data_5VK1
#
_entry.id   5VK1
#
_cell.length_a   43.294
_cell.length_b   47.730
_cell.length_c   93.394
_cell.angle_alpha   76.72
_cell.angle_beta   89.92
_cell.angle_gamma   72.60
#
_symmetry.space_group_name_H-M   'P 1'
#
loop_
_entity.id
_entity.type
_entity.pdbx_description
1 polymer 'Protein Mdm4'
2 polymer 'Lysine-cysteine side chain dithiocarbamate stapled peptide inhibitor PMI'
3 water water
#
loop_
_entity_poly.entity_id
_entity_poly.type
_entity_poly.pdbx_seq_one_letter_code
_entity_poly.pdbx_strand_id
1 'polypeptide(L)'
;INQVRPKLPLLKILHAAGAQGEMFTVKEVMHYLGQYIMVKQLYDAAAQHMVYCGGDLLGELLGRQSFSVKDPSPLYDMLR
KNLVT
;
A,C,E,G,I,K,M,O
2 'polypeptide(L)' (ACE)TSF(9E7)EYWCLLSP(NH2) B,D,F,H,J,L,N,P
#
# COMPACT_ATOMS: atom_id res chain seq x y z
N ASN A 2 -3.17 -15.64 -19.39
CA ASN A 2 -3.44 -17.04 -18.90
C ASN A 2 -4.88 -17.21 -18.43
N GLN A 3 -5.57 -18.24 -18.94
CA GLN A 3 -6.99 -18.41 -18.69
C GLN A 3 -7.32 -18.99 -17.31
N VAL A 4 -8.59 -18.81 -16.93
CA VAL A 4 -9.16 -19.32 -15.70
C VAL A 4 -10.63 -19.64 -15.92
N ARG A 5 -11.12 -20.65 -15.21
CA ARG A 5 -12.53 -21.02 -15.25
C ARG A 5 -13.23 -20.38 -14.05
N PRO A 6 -14.35 -19.67 -14.29
CA PRO A 6 -15.12 -19.16 -13.16
C PRO A 6 -15.98 -20.24 -12.51
N LYS A 7 -16.29 -20.03 -11.24
CA LYS A 7 -17.29 -20.83 -10.56
C LYS A 7 -18.67 -20.32 -10.98
N LEU A 8 -19.65 -21.22 -10.92
CA LEU A 8 -20.99 -21.02 -11.50
C LEU A 8 -21.66 -19.62 -11.33
N PRO A 9 -21.66 -19.06 -10.10
CA PRO A 9 -22.31 -17.75 -9.88
C PRO A 9 -21.74 -16.59 -10.72
N LEU A 10 -20.42 -16.44 -10.72
CA LEU A 10 -19.74 -15.44 -11.53
C LEU A 10 -19.98 -15.69 -13.01
N LEU A 11 -19.88 -16.96 -13.39
CA LEU A 11 -20.15 -17.44 -14.74
C LEU A 11 -21.47 -16.88 -15.28
N LYS A 12 -22.53 -17.10 -14.51
CA LYS A 12 -23.87 -16.60 -14.85
C LYS A 12 -23.89 -15.09 -15.01
N ILE A 13 -23.24 -14.40 -14.07
CA ILE A 13 -23.07 -12.94 -14.14
C ILE A 13 -22.31 -12.52 -15.39
N LEU A 14 -21.23 -13.23 -15.70
CA LEU A 14 -20.44 -12.94 -16.89
C LEU A 14 -21.21 -13.11 -18.18
N HIS A 15 -22.07 -14.12 -18.23
CA HIS A 15 -22.94 -14.33 -19.40
C HIS A 15 -24.07 -13.31 -19.44
N ALA A 16 -24.52 -12.90 -18.26
CA ALA A 16 -25.51 -11.83 -18.14
C ALA A 16 -24.98 -10.50 -18.68
N ALA A 17 -23.69 -10.27 -18.52
CA ALA A 17 -23.01 -9.11 -19.12
C ALA A 17 -23.05 -9.17 -20.65
N GLY A 18 -22.93 -10.38 -21.19
CA GLY A 18 -22.81 -10.61 -22.63
C GLY A 18 -21.52 -11.29 -23.05
N ALA A 19 -20.79 -11.85 -22.09
CA ALA A 19 -19.58 -12.62 -22.38
C ALA A 19 -19.98 -14.03 -22.80
N GLN A 20 -19.10 -14.67 -23.54
CA GLN A 20 -19.29 -16.04 -24.00
C GLN A 20 -18.17 -16.89 -23.46
N GLY A 21 -18.40 -18.20 -23.43
CA GLY A 21 -17.35 -19.17 -23.13
C GLY A 21 -17.37 -19.76 -21.73
N GLU A 22 -16.35 -20.57 -21.47
CA GLU A 22 -16.18 -21.27 -20.21
C GLU A 22 -14.97 -20.82 -19.40
N MET A 23 -13.92 -20.39 -20.09
CA MET A 23 -12.67 -20.00 -19.46
C MET A 23 -12.44 -18.55 -19.81
N PHE A 24 -12.01 -17.76 -18.84
CA PHE A 24 -11.73 -16.36 -19.04
C PHE A 24 -10.36 -16.01 -18.51
N THR A 25 -9.87 -14.87 -18.96
CA THR A 25 -8.71 -14.24 -18.38
C THR A 25 -9.20 -13.22 -17.37
N VAL A 26 -8.34 -12.89 -16.41
CA VAL A 26 -8.61 -11.85 -15.42
C VAL A 26 -8.93 -10.49 -16.10
N LYS A 27 -8.29 -10.27 -17.25
CA LYS A 27 -8.54 -9.08 -18.08
C LYS A 27 -10.00 -8.95 -18.54
N GLU A 28 -10.55 -10.05 -19.08
CA GLU A 28 -11.91 -10.04 -19.64
C GLU A 28 -13.00 -10.13 -18.56
N VAL A 29 -12.68 -10.74 -17.42
CA VAL A 29 -13.63 -10.80 -16.30
C VAL A 29 -13.84 -9.40 -15.73
N MET A 30 -12.77 -8.59 -15.73
CA MET A 30 -12.82 -7.20 -15.25
C MET A 30 -13.55 -6.24 -16.19
N HIS A 31 -13.62 -6.60 -17.46
CA HIS A 31 -14.35 -5.82 -18.45
C HIS A 31 -15.84 -6.07 -18.29
N TYR A 32 -16.21 -7.35 -18.25
CA TYR A 32 -17.61 -7.76 -18.15
C TYR A 32 -18.26 -7.48 -16.80
N LEU A 33 -17.46 -7.45 -15.74
CA LEU A 33 -17.94 -6.97 -14.44
C LEU A 33 -18.21 -5.47 -14.49
N GLY A 34 -17.33 -4.74 -15.15
CA GLY A 34 -17.56 -3.32 -15.45
C GLY A 34 -18.79 -3.14 -16.32
N GLN A 35 -18.90 -3.96 -17.36
CA GLN A 35 -20.08 -3.96 -18.25
C GLN A 35 -21.37 -4.32 -17.51
N TYR A 36 -21.28 -5.27 -16.57
CA TYR A 36 -22.43 -5.75 -15.82
C TYR A 36 -23.06 -4.65 -14.96
N ILE A 37 -22.24 -3.96 -14.17
CA ILE A 37 -22.69 -2.88 -13.29
C ILE A 37 -23.30 -1.71 -14.07
N MET A 38 -22.69 -1.39 -15.22
CA MET A 38 -23.15 -0.30 -16.08
C MET A 38 -24.55 -0.58 -16.63
N VAL A 39 -24.76 -1.80 -17.11
CA VAL A 39 -26.04 -2.20 -17.71
C VAL A 39 -27.11 -2.49 -16.65
N LYS A 40 -26.68 -2.93 -15.46
CA LYS A 40 -27.61 -3.20 -14.35
C LYS A 40 -27.89 -1.93 -13.53
N GLN A 41 -27.17 -0.84 -13.81
CA GLN A 41 -27.37 0.46 -13.16
C GLN A 41 -27.26 0.40 -11.63
N LEU A 42 -26.27 -0.33 -11.15
CA LEU A 42 -26.12 -0.61 -9.72
C LEU A 42 -25.30 0.43 -9.00
N TYR A 43 -24.43 1.11 -9.73
CA TYR A 43 -23.69 2.25 -9.19
C TYR A 43 -24.65 3.37 -8.83
N ASP A 44 -24.30 4.10 -7.77
CA ASP A 44 -25.06 5.25 -7.32
C ASP A 44 -24.92 6.37 -8.35
N ALA A 45 -26.05 6.94 -8.76
CA ALA A 45 -26.06 8.00 -9.79
C ALA A 45 -25.37 9.31 -9.37
N ALA A 46 -25.24 9.55 -8.06
CA ALA A 46 -24.56 10.73 -7.53
C ALA A 46 -23.07 10.48 -7.27
N ALA A 47 -22.79 9.50 -6.42
CA ALA A 47 -21.41 9.06 -6.14
C ALA A 47 -21.11 7.82 -6.98
N GLN A 48 -20.68 8.06 -8.21
CA GLN A 48 -20.58 6.98 -9.21
C GLN A 48 -19.51 5.93 -8.91
N HIS A 49 -18.58 6.25 -8.02
CA HIS A 49 -17.61 5.28 -7.50
C HIS A 49 -18.22 4.20 -6.59
N MET A 50 -19.35 4.52 -5.94
CA MET A 50 -20.03 3.59 -5.04
C MET A 50 -20.98 2.70 -5.83
N VAL A 51 -20.90 1.40 -5.59
CA VAL A 51 -21.76 0.40 -6.21
C VAL A 51 -22.60 -0.22 -5.12
N TYR A 52 -23.89 -0.38 -5.39
CA TYR A 52 -24.83 -1.03 -4.48
C TYR A 52 -25.34 -2.28 -5.13
N CYS A 53 -24.87 -3.42 -4.64
CA CYS A 53 -25.10 -4.72 -5.27
C CYS A 53 -25.96 -5.69 -4.45
N GLY A 54 -26.26 -5.36 -3.19
CA GLY A 54 -26.94 -6.27 -2.25
C GLY A 54 -28.21 -6.97 -2.73
N GLY A 55 -29.04 -6.24 -3.46
CA GLY A 55 -30.29 -6.78 -4.00
C GLY A 55 -30.16 -7.53 -5.33
N ASP A 56 -28.93 -7.62 -5.83
CA ASP A 56 -28.62 -8.30 -7.06
C ASP A 56 -27.89 -9.61 -6.71
N LEU A 57 -27.59 -10.41 -7.73
CA LEU A 57 -26.78 -11.62 -7.56
C LEU A 57 -25.31 -11.28 -7.32
N LEU A 58 -24.89 -10.08 -7.72
CA LEU A 58 -23.56 -9.58 -7.45
C LEU A 58 -23.27 -9.43 -5.94
N GLY A 59 -24.28 -9.04 -5.17
CA GLY A 59 -24.13 -8.84 -3.72
C GLY A 59 -23.75 -10.09 -2.95
N GLU A 60 -24.48 -11.18 -3.21
CA GLU A 60 -24.24 -12.47 -2.56
C GLU A 60 -22.92 -13.11 -2.96
N LEU A 61 -22.48 -12.85 -4.18
CA LEU A 61 -21.19 -13.31 -4.69
C LEU A 61 -20.04 -12.64 -3.95
N LEU A 62 -20.10 -11.31 -3.87
CA LEU A 62 -19.11 -10.52 -3.12
C LEU A 62 -19.18 -10.72 -1.60
N GLY A 63 -20.36 -11.08 -1.10
CA GLY A 63 -20.59 -11.18 0.34
C GLY A 63 -20.85 -9.83 0.97
N ARG A 64 -21.34 -8.89 0.15
CA ARG A 64 -21.52 -7.50 0.53
C ARG A 64 -22.89 -6.96 0.11
N GLN A 65 -23.11 -5.70 0.48
CA GLN A 65 -24.25 -4.89 0.07
C GLN A 65 -23.78 -3.82 -0.90
N SER A 66 -22.68 -3.15 -0.53
CA SER A 66 -22.13 -2.06 -1.30
C SER A 66 -20.61 -2.14 -1.31
N PHE A 67 -20.00 -1.54 -2.33
CA PHE A 67 -18.55 -1.34 -2.35
C PHE A 67 -18.21 -0.14 -3.22
N SER A 68 -16.98 0.32 -3.08
CA SER A 68 -16.49 1.48 -3.81
C SER A 68 -15.39 1.00 -4.75
N VAL A 69 -15.21 1.69 -5.87
CA VAL A 69 -14.16 1.31 -6.84
C VAL A 69 -12.80 1.89 -6.48
N LYS A 70 -12.80 3.00 -5.74
CA LYS A 70 -11.56 3.56 -5.17
C LYS A 70 -10.88 2.59 -4.20
N ASP A 71 -11.67 1.71 -3.58
CA ASP A 71 -11.15 0.55 -2.88
C ASP A 71 -11.79 -0.73 -3.45
N PRO A 72 -11.08 -1.41 -4.36
CA PRO A 72 -11.59 -2.62 -4.97
C PRO A 72 -11.02 -3.89 -4.33
N SER A 73 -10.59 -3.83 -3.07
CA SER A 73 -10.09 -5.03 -2.38
C SER A 73 -11.18 -6.09 -2.16
N PRO A 74 -12.47 -5.68 -2.07
CA PRO A 74 -13.57 -6.66 -2.12
C PRO A 74 -13.71 -7.41 -3.45
N LEU A 75 -13.30 -6.79 -4.55
CA LEU A 75 -13.22 -7.48 -5.85
C LEU A 75 -12.12 -8.54 -5.84
N TYR A 76 -10.97 -8.18 -5.28
CA TYR A 76 -9.83 -9.08 -5.13
C TYR A 76 -10.18 -10.34 -4.32
N ASP A 77 -10.94 -10.14 -3.25
CA ASP A 77 -11.44 -11.22 -2.40
C ASP A 77 -12.11 -12.30 -3.25
N MET A 78 -13.11 -11.86 -4.01
CA MET A 78 -13.97 -12.74 -4.79
C MET A 78 -13.26 -13.36 -6.00
N LEU A 79 -12.40 -12.60 -6.69
CA LEU A 79 -11.65 -13.13 -7.84
C LEU A 79 -10.71 -14.25 -7.42
N ARG A 80 -10.06 -14.05 -6.28
CA ARG A 80 -9.19 -15.05 -5.67
C ARG A 80 -9.94 -16.35 -5.31
N LYS A 81 -11.21 -16.21 -4.92
CA LYS A 81 -12.03 -17.35 -4.48
C LYS A 81 -12.80 -18.06 -5.58
N ASN A 82 -13.06 -17.39 -6.69
CA ASN A 82 -13.98 -17.90 -7.71
C ASN A 82 -13.40 -18.17 -9.10
N LEU A 83 -12.10 -17.90 -9.30
CA LEU A 83 -11.44 -18.16 -10.58
C LEU A 83 -10.30 -19.14 -10.37
N VAL A 84 -10.56 -20.40 -10.72
CA VAL A 84 -9.59 -21.49 -10.52
C VAL A 84 -8.52 -21.52 -11.61
N THR B 2 -17.42 13.27 -13.19
CA THR B 2 -16.62 11.99 -13.40
C THR B 2 -17.55 10.76 -13.34
N SER B 3 -17.72 10.10 -14.48
CA SER B 3 -18.64 8.95 -14.61
C SER B 3 -18.06 7.68 -13.98
N PHE B 4 -18.93 6.69 -13.77
CA PHE B 4 -18.52 5.36 -13.30
C PHE B 4 -17.62 4.66 -14.33
N GLU B 6 -15.18 5.72 -16.24
CA GLU B 6 -13.96 6.57 -15.96
C GLU B 6 -13.31 6.19 -14.64
N TYR B 7 -14.14 6.06 -13.59
CA TYR B 7 -13.72 5.44 -12.32
C TYR B 7 -13.29 3.97 -12.49
N TRP B 8 -14.11 3.19 -13.20
CA TRP B 8 -13.86 1.75 -13.38
C TRP B 8 -12.51 1.46 -14.04
N CYS B 9 -12.20 2.21 -15.10
CA CYS B 9 -10.94 2.04 -15.83
C CYS B 9 -9.73 2.76 -15.19
N LEU B 10 -9.89 3.24 -13.95
CA LEU B 10 -8.74 3.52 -13.08
C LEU B 10 -8.18 2.25 -12.41
N LEU B 11 -8.85 1.11 -12.59
CA LEU B 11 -8.35 -0.20 -12.12
C LEU B 11 -7.64 -0.93 -13.24
N SER B 12 -6.54 -1.61 -12.89
CA SER B 12 -5.83 -2.47 -13.83
C SER B 12 -6.65 -3.76 -14.07
N PRO B 13 -6.40 -4.46 -15.21
CA PRO B 13 -7.23 -5.60 -15.55
C PRO B 13 -6.67 -6.92 -15.00
N ASN C 2 -4.96 -7.09 -1.30
N ASN C 2 -6.15 -8.01 -0.66
CA ASN C 2 -4.51 -8.31 -0.56
CA ASN C 2 -4.67 -8.19 -0.52
C ASN C 2 -4.32 -8.01 0.92
C ASN C 2 -4.29 -8.00 0.94
N GLN C 3 -4.54 -9.02 1.75
CA GLN C 3 -4.43 -8.91 3.20
C GLN C 3 -2.97 -9.00 3.64
N VAL C 4 -2.66 -8.25 4.69
CA VAL C 4 -1.31 -8.14 5.22
C VAL C 4 -1.33 -8.55 6.68
N ARG C 5 -0.15 -8.81 7.23
CA ARG C 5 0.02 -9.21 8.61
C ARG C 5 0.75 -8.11 9.38
N PRO C 6 0.01 -7.19 10.01
CA PRO C 6 0.61 -6.09 10.76
C PRO C 6 1.45 -6.54 11.92
N LYS C 7 2.54 -5.81 12.16
CA LYS C 7 3.40 -6.08 13.30
C LYS C 7 2.76 -5.53 14.56
N LEU C 8 3.19 -6.09 15.68
CA LEU C 8 2.58 -5.86 17.00
C LEU C 8 2.26 -4.40 17.37
N PRO C 9 3.24 -3.48 17.24
CA PRO C 9 2.98 -2.07 17.53
C PRO C 9 1.86 -1.47 16.66
N LEU C 10 1.90 -1.79 15.37
CA LEU C 10 0.85 -1.39 14.43
C LEU C 10 -0.45 -2.06 14.84
N LEU C 11 -0.36 -3.36 15.12
CA LEU C 11 -1.50 -4.21 15.49
C LEU C 11 -2.26 -3.71 16.74
N LYS C 12 -1.52 -3.15 17.68
CA LYS C 12 -2.09 -2.61 18.92
C LYS C 12 -2.93 -1.35 18.72
N ILE C 13 -2.40 -0.42 17.92
CA ILE C 13 -3.08 0.83 17.59
C ILE C 13 -4.40 0.57 16.85
N LEU C 14 -4.39 -0.44 15.99
CA LEU C 14 -5.60 -0.86 15.27
C LEU C 14 -6.71 -1.33 16.21
N HIS C 15 -6.34 -2.10 17.22
CA HIS C 15 -7.32 -2.60 18.20
C HIS C 15 -7.83 -1.53 19.18
N ALA C 16 -7.09 -0.43 19.33
CA ALA C 16 -7.56 0.74 20.07
C ALA C 16 -8.58 1.55 19.25
N ALA C 17 -8.49 1.46 17.93
CA ALA C 17 -9.47 2.07 17.01
C ALA C 17 -10.73 1.23 16.85
N GLY C 18 -10.73 0.01 17.37
CA GLY C 18 -11.86 -0.92 17.27
C GLY C 18 -11.72 -1.93 16.16
N ALA C 19 -10.48 -2.19 15.71
CA ALA C 19 -10.24 -3.23 14.72
C ALA C 19 -10.33 -4.60 15.39
N GLN C 20 -10.96 -5.54 14.71
CA GLN C 20 -11.08 -6.90 15.18
C GLN C 20 -10.34 -7.78 14.20
N GLY C 21 -9.48 -8.66 14.73
CA GLY C 21 -8.81 -9.67 13.94
C GLY C 21 -7.31 -9.43 13.78
N GLU C 22 -6.79 -9.97 12.70
CA GLU C 22 -5.36 -10.02 12.42
C GLU C 22 -4.99 -9.59 11.00
N MET C 23 -5.86 -9.90 10.04
CA MET C 23 -5.59 -9.72 8.62
C MET C 23 -6.44 -8.58 8.08
N PHE C 24 -5.78 -7.57 7.53
CA PHE C 24 -6.47 -6.44 6.92
C PHE C 24 -5.84 -6.10 5.58
N THR C 25 -6.61 -5.42 4.76
CA THR C 25 -6.10 -4.83 3.53
C THR C 25 -5.48 -3.49 3.90
N VAL C 26 -4.59 -2.99 3.05
CA VAL C 26 -3.88 -1.74 3.32
C VAL C 26 -4.84 -0.56 3.54
N LYS C 27 -5.96 -0.56 2.83
CA LYS C 27 -7.01 0.44 3.03
C LYS C 27 -7.57 0.37 4.44
N GLU C 28 -7.94 -0.85 4.85
CA GLU C 28 -8.53 -1.09 6.16
C GLU C 28 -7.65 -0.51 7.25
N VAL C 29 -6.34 -0.75 7.13
CA VAL C 29 -5.35 -0.23 8.07
C VAL C 29 -5.41 1.30 8.13
N MET C 30 -5.48 1.93 6.96
CA MET C 30 -5.61 3.39 6.86
C MET C 30 -6.88 3.88 7.51
N HIS C 31 -7.97 3.18 7.23
CA HIS C 31 -9.26 3.52 7.78
C HIS C 31 -9.24 3.52 9.31
N TYR C 32 -8.71 2.45 9.89
CA TYR C 32 -8.57 2.34 11.34
C TYR C 32 -7.63 3.37 11.93
N LEU C 33 -6.62 3.76 11.15
CA LEU C 33 -5.70 4.81 11.57
C LEU C 33 -6.38 6.17 11.69
N GLY C 34 -7.25 6.50 10.73
CA GLY C 34 -8.06 7.72 10.80
C GLY C 34 -9.04 7.74 11.96
N GLN C 35 -9.58 6.56 12.29
CA GLN C 35 -10.49 6.40 13.44
C GLN C 35 -9.76 6.62 14.75
N TYR C 36 -8.53 6.12 14.82
CA TYR C 36 -7.68 6.28 15.99
C TYR C 36 -7.32 7.75 16.22
N ILE C 37 -7.11 8.49 15.14
CA ILE C 37 -6.81 9.92 15.22
C ILE C 37 -8.01 10.69 15.76
N MET C 38 -9.18 10.39 15.20
CA MET C 38 -10.43 10.98 15.66
C MET C 38 -10.74 10.60 17.11
N VAL C 39 -10.50 9.34 17.46
CA VAL C 39 -10.74 8.84 18.82
C VAL C 39 -9.72 9.38 19.84
N LYS C 40 -8.45 9.48 19.45
CA LYS C 40 -7.40 9.94 20.37
C LYS C 40 -7.16 11.45 20.33
N GLN C 41 -7.83 12.14 19.41
CA GLN C 41 -7.82 13.61 19.35
C GLN C 41 -6.42 14.20 19.15
N LEU C 42 -5.67 13.59 18.23
CA LEU C 42 -4.29 13.97 17.99
C LEU C 42 -4.16 15.08 16.95
N TYR C 43 -5.26 15.39 16.28
CA TYR C 43 -5.25 16.38 15.22
C TYR C 43 -5.58 17.78 15.76
N ASP C 44 -4.95 18.78 15.16
CA ASP C 44 -5.12 20.18 15.54
C ASP C 44 -6.49 20.66 15.10
N ALA C 45 -7.19 21.39 15.98
CA ALA C 45 -8.52 21.91 15.66
C ALA C 45 -8.51 23.14 14.74
N ALA C 46 -7.38 23.84 14.65
CA ALA C 46 -7.24 25.02 13.79
C ALA C 46 -6.75 24.62 12.41
N ALA C 47 -5.63 23.91 12.38
CA ALA C 47 -5.09 23.31 11.18
C ALA C 47 -5.45 21.83 11.23
N GLN C 48 -6.67 21.52 10.79
CA GLN C 48 -7.27 20.17 10.95
C GLN C 48 -6.47 19.04 10.29
N HIS C 49 -5.68 19.38 9.28
CA HIS C 49 -4.76 18.43 8.63
C HIS C 49 -3.47 18.17 9.42
N MET C 50 -3.20 19.01 10.41
CA MET C 50 -2.05 18.82 11.30
C MET C 50 -2.39 17.77 12.34
N VAL C 51 -1.43 16.87 12.58
CA VAL C 51 -1.60 15.81 13.57
C VAL C 51 -0.37 15.79 14.47
N TYR C 52 -0.60 15.77 15.78
CA TYR C 52 0.45 15.66 16.78
C TYR C 52 0.34 14.34 17.49
N CYS C 53 1.32 13.47 17.25
CA CYS C 53 1.39 12.17 17.90
C CYS C 53 2.57 12.11 18.89
N GLY C 54 2.93 13.26 19.48
CA GLY C 54 4.16 13.39 20.26
C GLY C 54 4.31 12.41 21.40
N GLY C 55 3.45 12.56 22.40
CA GLY C 55 3.44 11.67 23.57
C GLY C 55 2.41 10.55 23.48
N ASP C 56 2.13 10.07 22.26
CA ASP C 56 1.20 8.99 22.00
C ASP C 56 1.98 7.81 21.45
N LEU C 57 1.38 6.62 21.48
CA LEU C 57 2.01 5.42 20.91
C LEU C 57 2.23 5.47 19.40
N LEU C 58 1.39 6.23 18.70
CA LEU C 58 1.51 6.41 17.26
C LEU C 58 2.78 7.15 16.83
N GLY C 59 3.22 8.11 17.64
CA GLY C 59 4.42 8.89 17.32
C GLY C 59 5.72 8.10 17.37
N GLU C 60 5.75 7.10 18.25
CA GLU C 60 6.91 6.23 18.44
C GLU C 60 7.00 5.25 17.29
N LEU C 61 5.84 4.84 16.79
CA LEU C 61 5.73 3.97 15.64
C LEU C 61 6.17 4.68 14.37
N LEU C 62 5.64 5.90 14.18
CA LEU C 62 6.03 6.75 13.06
C LEU C 62 7.42 7.37 13.22
N GLY C 63 7.92 7.41 14.45
CA GLY C 63 9.23 7.96 14.75
C GLY C 63 9.23 9.47 14.74
N ARG C 64 8.06 10.07 14.94
CA ARG C 64 7.90 11.52 14.82
C ARG C 64 6.95 12.11 15.86
N GLN C 65 7.03 13.42 16.02
CA GLN C 65 6.16 14.17 16.93
C GLN C 65 4.92 14.72 16.22
N SER C 66 5.03 14.96 14.93
CA SER C 66 3.90 15.43 14.16
C SER C 66 4.05 15.10 12.69
N PHE C 67 2.92 15.14 11.98
CA PHE C 67 2.93 15.01 10.53
C PHE C 67 1.67 15.62 9.94
N SER C 68 1.80 16.13 8.72
CA SER C 68 0.69 16.68 7.98
C SER C 68 0.04 15.58 7.16
N VAL C 69 -1.28 15.69 6.99
CA VAL C 69 -2.04 14.75 6.16
C VAL C 69 -1.75 14.97 4.66
N LYS C 70 -1.28 16.17 4.31
CA LYS C 70 -1.03 16.53 2.90
C LYS C 70 0.28 15.99 2.31
N ASP C 71 1.21 15.55 3.17
CA ASP C 71 2.37 14.77 2.73
C ASP C 71 2.56 13.61 3.70
N PRO C 72 1.91 12.46 3.42
CA PRO C 72 1.87 11.26 4.25
C PRO C 72 3.07 10.31 4.06
N SER C 73 4.20 10.83 3.58
CA SER C 73 5.40 10.01 3.33
C SER C 73 5.85 9.21 4.58
N PRO C 74 5.94 9.87 5.76
CA PRO C 74 6.30 9.19 7.02
C PRO C 74 5.44 7.98 7.41
N LEU C 75 4.16 8.05 7.05
CA LEU C 75 3.20 7.00 7.32
C LEU C 75 3.45 5.76 6.45
N TYR C 76 3.52 6.01 5.15
CA TYR C 76 3.85 4.99 4.16
C TYR C 76 5.24 4.42 4.41
N ASP C 77 6.11 5.26 4.98
CA ASP C 77 7.39 4.81 5.53
C ASP C 77 7.14 3.73 6.58
N MET C 78 6.29 4.07 7.55
CA MET C 78 5.90 3.18 8.63
C MET C 78 5.22 1.91 8.13
N LEU C 79 4.26 2.06 7.22
CA LEU C 79 3.51 0.92 6.68
C LEU C 79 4.36 -0.03 5.84
N ARG C 80 5.42 0.51 5.23
CA ARG C 80 6.38 -0.30 4.48
C ARG C 80 7.06 -1.33 5.40
N LYS C 81 7.35 -0.90 6.63
CA LYS C 81 8.11 -1.71 7.59
C LYS C 81 7.25 -2.59 8.51
N ASN C 82 6.07 -2.11 8.90
CA ASN C 82 5.25 -2.78 9.94
C ASN C 82 4.08 -3.59 9.40
N LEU C 83 4.02 -3.79 8.07
CA LEU C 83 3.01 -4.64 7.44
C LEU C 83 3.69 -5.72 6.59
N THR D 2 -13.37 22.71 6.77
CA THR D 2 -12.63 21.51 6.21
C THR D 2 -12.05 20.69 7.37
N SER D 3 -12.52 19.45 7.51
CA SER D 3 -12.22 18.61 8.69
C SER D 3 -11.11 17.61 8.41
N PHE D 4 -10.54 17.07 9.49
CA PHE D 4 -9.58 15.96 9.41
C PHE D 4 -10.15 14.78 8.62
N GLU D 6 -12.54 14.31 6.18
CA GLU D 6 -12.44 14.96 4.81
C GLU D 6 -11.00 14.90 4.26
N TYR D 7 -10.08 15.66 4.87
CA TYR D 7 -8.63 15.55 4.61
C TYR D 7 -8.14 14.11 4.47
N TRP D 8 -8.46 13.30 5.47
CA TRP D 8 -7.98 11.92 5.58
C TRP D 8 -8.40 11.02 4.41
N CYS D 9 -9.65 11.13 3.98
CA CYS D 9 -10.16 10.31 2.87
C CYS D 9 -9.72 10.78 1.47
N LEU D 10 -9.06 11.93 1.39
CA LEU D 10 -8.42 12.39 0.15
C LEU D 10 -7.04 11.75 -0.04
N LEU D 11 -6.34 11.45 1.06
CA LEU D 11 -5.15 10.58 1.00
C LEU D 11 -5.56 9.11 0.92
N SER D 12 -6.68 8.77 1.57
CA SER D 12 -7.16 7.40 1.70
C SER D 12 -8.34 7.17 0.72
N PRO D 13 -9.16 6.11 0.95
CA PRO D 13 -10.38 5.83 0.22
C PRO D 13 -11.64 5.90 1.11
N ASN E 2 -12.08 14.00 -7.94
CA ASN E 2 -12.49 14.93 -6.84
C ASN E 2 -11.41 15.99 -6.60
N GLN E 3 -10.37 15.65 -5.83
CA GLN E 3 -9.26 16.56 -5.58
C GLN E 3 -8.34 16.56 -6.78
N VAL E 4 -7.68 17.70 -6.99
CA VAL E 4 -6.92 17.97 -8.21
C VAL E 4 -5.47 18.34 -7.93
N ARG E 5 -4.67 18.38 -8.99
CA ARG E 5 -3.28 18.75 -8.94
C ARG E 5 -3.08 20.12 -9.60
N PRO E 6 -2.45 21.07 -8.87
CA PRO E 6 -2.12 22.35 -9.49
C PRO E 6 -0.87 22.24 -10.35
N LYS E 7 -0.73 23.15 -11.29
CA LYS E 7 0.49 23.27 -12.08
C LYS E 7 1.48 24.13 -11.34
N LEU E 8 2.73 24.07 -11.78
CA LEU E 8 3.87 24.62 -11.04
C LEU E 8 3.70 26.06 -10.53
N PRO E 9 3.34 27.02 -11.41
CA PRO E 9 3.26 28.43 -10.97
C PRO E 9 2.12 28.69 -9.98
N LEU E 10 0.98 28.04 -10.22
CA LEU E 10 -0.15 28.06 -9.30
C LEU E 10 0.23 27.37 -7.98
N LEU E 11 1.00 26.30 -8.10
CA LEU E 11 1.50 25.54 -6.97
C LEU E 11 2.49 26.35 -6.12
N LYS E 12 3.32 27.16 -6.78
CA LYS E 12 4.25 28.07 -6.09
C LYS E 12 3.47 29.09 -5.27
N ILE E 13 2.46 29.68 -5.91
CA ILE E 13 1.53 30.61 -5.26
C ILE E 13 0.79 29.97 -4.09
N LEU E 14 0.34 28.73 -4.28
CA LEU E 14 -0.34 28.00 -3.21
C LEU E 14 0.55 27.82 -1.99
N HIS E 15 1.77 27.35 -2.23
CA HIS E 15 2.76 27.23 -1.16
C HIS E 15 3.12 28.58 -0.57
N ALA E 16 3.18 29.60 -1.42
CA ALA E 16 3.50 30.96 -1.02
C ALA E 16 2.60 31.52 0.09
N ALA E 17 1.30 31.20 0.04
CA ALA E 17 0.36 31.60 1.09
C ALA E 17 0.59 30.86 2.40
N GLY E 18 1.11 29.63 2.30
CA GLY E 18 1.37 28.76 3.45
C GLY E 18 0.68 27.40 3.39
N ALA E 19 0.40 26.91 2.19
CA ALA E 19 -0.22 25.59 2.01
C ALA E 19 0.84 24.51 2.00
N GLN E 20 0.39 23.27 2.16
CA GLN E 20 1.23 22.09 2.12
C GLN E 20 0.65 21.10 1.12
N GLY E 21 1.52 20.25 0.59
CA GLY E 21 1.13 19.13 -0.25
C GLY E 21 1.32 19.37 -1.72
N GLU E 22 0.78 18.43 -2.50
CA GLU E 22 0.86 18.46 -3.96
C GLU E 22 -0.47 18.37 -4.70
N MET E 23 -1.51 17.88 -4.03
CA MET E 23 -2.82 17.71 -4.65
C MET E 23 -3.87 18.26 -3.72
N PHE E 24 -4.61 19.26 -4.19
CA PHE E 24 -5.61 19.93 -3.37
C PHE E 24 -6.98 19.76 -4.02
N THR E 25 -7.97 20.38 -3.40
CA THR E 25 -9.30 20.52 -3.98
C THR E 25 -9.55 22.00 -4.22
N VAL E 26 -10.59 22.31 -4.99
CA VAL E 26 -10.89 23.71 -5.35
C VAL E 26 -11.23 24.55 -4.12
N LYS E 27 -11.90 23.97 -3.13
CA LYS E 27 -12.14 24.63 -1.84
C LYS E 27 -10.82 25.01 -1.14
N GLU E 28 -9.86 24.10 -1.21
CA GLU E 28 -8.51 24.33 -0.68
C GLU E 28 -7.83 25.43 -1.48
N VAL E 29 -7.91 25.32 -2.80
CA VAL E 29 -7.22 26.23 -3.70
C VAL E 29 -7.82 27.64 -3.63
N MET E 30 -9.14 27.75 -3.49
CA MET E 30 -9.81 29.05 -3.31
C MET E 30 -9.38 29.73 -2.01
N HIS E 31 -9.36 28.97 -0.92
CA HIS E 31 -8.96 29.51 0.38
C HIS E 31 -7.60 30.17 0.32
N TYR E 32 -6.62 29.42 -0.15
CA TYR E 32 -5.23 29.88 -0.20
C TYR E 32 -4.97 30.97 -1.23
N LEU E 33 -5.81 31.03 -2.27
CA LEU E 33 -5.73 32.11 -3.25
C LEU E 33 -6.20 33.41 -2.61
N GLY E 34 -7.33 33.34 -1.89
CA GLY E 34 -7.78 34.46 -1.07
C GLY E 34 -6.73 34.87 -0.07
N GLN E 35 -6.14 33.88 0.58
CA GLN E 35 -5.07 34.08 1.56
C GLN E 35 -3.91 34.87 0.96
N TYR E 36 -3.38 34.39 -0.17
CA TYR E 36 -2.23 34.97 -0.88
C TYR E 36 -2.42 36.44 -1.26
N ILE E 37 -3.62 36.80 -1.69
CA ILE E 37 -3.93 38.18 -2.11
C ILE E 37 -3.76 39.13 -0.92
N MET E 38 -4.19 38.67 0.25
CA MET E 38 -4.17 39.46 1.49
C MET E 38 -2.77 39.67 2.06
N VAL E 39 -1.93 38.64 2.00
CA VAL E 39 -0.58 38.73 2.57
C VAL E 39 0.33 39.57 1.66
N LYS E 40 -0.02 39.63 0.37
CA LYS E 40 0.67 40.46 -0.61
C LYS E 40 0.03 41.84 -0.76
N GLN E 41 -1.17 42.01 -0.22
CA GLN E 41 -1.90 43.28 -0.28
C GLN E 41 -2.02 43.75 -1.72
N LEU E 42 -2.78 42.99 -2.50
CA LEU E 42 -2.91 43.23 -3.95
C LEU E 42 -4.24 43.84 -4.34
N TYR E 43 -5.01 44.29 -3.35
CA TYR E 43 -6.32 44.86 -3.60
C TYR E 43 -6.26 46.30 -3.19
N ASP E 44 -6.85 47.16 -4.01
CA ASP E 44 -6.94 48.59 -3.75
C ASP E 44 -7.52 48.81 -2.36
N ALA E 45 -6.86 49.67 -1.58
CA ALA E 45 -7.32 50.02 -0.23
C ALA E 45 -8.72 50.64 -0.27
N ALA E 46 -8.98 51.44 -1.30
CA ALA E 46 -10.32 51.99 -1.54
C ALA E 46 -11.34 50.91 -1.94
N ALA E 47 -11.30 50.47 -3.20
CA ALA E 47 -12.21 49.44 -3.72
C ALA E 47 -11.61 48.05 -3.54
N GLN E 48 -12.09 47.34 -2.53
CA GLN E 48 -11.47 46.08 -2.08
C GLN E 48 -11.78 44.91 -3.00
N HIS E 49 -12.86 45.04 -3.77
CA HIS E 49 -13.25 44.05 -4.79
C HIS E 49 -12.31 43.95 -5.99
N MET E 50 -11.58 45.03 -6.27
CA MET E 50 -10.60 45.06 -7.35
C MET E 50 -9.26 44.59 -6.81
N VAL E 51 -8.67 43.62 -7.51
CA VAL E 51 -7.34 43.10 -7.17
C VAL E 51 -6.43 43.41 -8.35
N TYR E 52 -5.26 43.99 -8.06
CA TYR E 52 -4.27 44.28 -9.09
C TYR E 52 -3.07 43.37 -8.90
N CYS E 53 -2.92 42.41 -9.81
CA CYS E 53 -1.89 41.39 -9.72
C CYS E 53 -0.70 41.62 -10.68
N GLY E 54 -0.66 42.78 -11.34
CA GLY E 54 0.32 43.11 -12.40
C GLY E 54 1.76 42.66 -12.21
N GLY E 55 2.40 43.16 -11.16
CA GLY E 55 3.80 42.83 -10.85
C GLY E 55 3.94 41.67 -9.89
N ASP E 56 3.17 40.62 -10.13
CA ASP E 56 3.13 39.45 -9.26
C ASP E 56 2.97 38.23 -10.16
N LEU E 57 3.39 37.08 -9.65
CA LEU E 57 3.25 35.82 -10.35
C LEU E 57 1.78 35.60 -10.75
N LEU E 58 0.87 35.84 -9.81
CA LEU E 58 -0.57 35.77 -10.06
C LEU E 58 -1.00 36.54 -11.30
N GLY E 59 -0.49 37.76 -11.46
CA GLY E 59 -0.77 38.58 -12.65
C GLY E 59 -0.36 37.91 -13.94
N GLU E 60 0.82 37.29 -13.91
CA GLU E 60 1.32 36.50 -15.03
C GLU E 60 0.52 35.22 -15.27
N LEU E 61 -0.02 34.63 -14.19
CA LEU E 61 -0.89 33.46 -14.33
C LEU E 61 -2.18 33.76 -15.08
N LEU E 62 -2.86 34.82 -14.66
CA LEU E 62 -4.10 35.25 -15.30
C LEU E 62 -3.83 35.89 -16.66
N GLY E 63 -2.61 36.40 -16.85
CA GLY E 63 -2.22 37.09 -18.07
C GLY E 63 -2.83 38.48 -18.06
N ARG E 64 -2.80 39.11 -16.88
CA ARG E 64 -3.52 40.34 -16.63
C ARG E 64 -2.78 41.23 -15.66
N GLN E 65 -3.27 42.46 -15.57
CA GLN E 65 -2.82 43.45 -14.62
C GLN E 65 -3.83 43.60 -13.48
N SER E 66 -5.10 43.35 -13.77
CA SER E 66 -6.17 43.49 -12.78
C SER E 66 -7.31 42.51 -13.04
N PHE E 67 -8.10 42.27 -11.99
CA PHE E 67 -9.36 41.54 -12.10
C PHE E 67 -10.20 41.90 -10.88
N SER E 68 -11.50 41.68 -10.98
CA SER E 68 -12.40 42.01 -9.88
C SER E 68 -13.06 40.74 -9.37
N VAL E 69 -13.24 40.66 -8.06
CA VAL E 69 -14.01 39.57 -7.46
C VAL E 69 -15.52 39.80 -7.63
N LYS E 70 -15.87 41.02 -8.05
CA LYS E 70 -17.21 41.34 -8.55
C LYS E 70 -17.59 40.43 -9.71
N ASP E 71 -16.67 40.32 -10.67
CA ASP E 71 -16.82 39.51 -11.86
C ASP E 71 -15.59 38.59 -11.95
N PRO E 72 -15.70 37.32 -11.50
CA PRO E 72 -14.51 36.48 -11.41
C PRO E 72 -14.35 35.47 -12.57
N SER E 73 -14.83 35.82 -13.77
CA SER E 73 -14.60 34.98 -14.95
C SER E 73 -13.11 34.70 -15.19
N PRO E 74 -12.23 35.73 -15.12
CA PRO E 74 -10.81 35.49 -15.38
C PRO E 74 -10.16 34.53 -14.40
N LEU E 75 -10.57 34.61 -13.13
CA LEU E 75 -10.02 33.74 -12.10
C LEU E 75 -10.36 32.28 -12.38
N TYR E 76 -11.63 32.05 -12.71
CA TYR E 76 -12.13 30.72 -13.06
C TYR E 76 -11.62 30.14 -14.39
N ASP E 77 -11.08 31.00 -15.26
CA ASP E 77 -10.49 30.56 -16.52
C ASP E 77 -9.09 30.00 -16.33
N MET E 78 -8.29 30.72 -15.55
CA MET E 78 -6.95 30.27 -15.16
C MET E 78 -7.03 28.96 -14.38
N LEU E 79 -7.99 28.87 -13.46
CA LEU E 79 -8.13 27.70 -12.61
C LEU E 79 -8.56 26.44 -13.34
N ARG E 80 -9.41 26.56 -14.36
CA ARG E 80 -9.71 25.42 -15.23
C ARG E 80 -8.51 25.11 -16.12
N LYS E 81 -7.74 26.14 -16.48
CA LYS E 81 -6.51 25.99 -17.27
C LYS E 81 -5.27 25.52 -16.48
N ASN E 82 -5.26 25.67 -15.15
CA ASN E 82 -4.08 25.33 -14.30
C ASN E 82 -4.30 24.26 -13.23
N LEU E 83 -5.48 23.63 -13.19
CA LEU E 83 -5.77 22.56 -12.23
C LEU E 83 -6.08 21.29 -13.01
N VAL E 84 -5.32 20.23 -12.74
CA VAL E 84 -5.55 18.92 -13.38
C VAL E 84 -5.77 17.84 -12.33
N THR F 2 -17.41 46.46 3.75
CA THR F 2 -17.35 45.21 2.88
C THR F 2 -15.92 45.08 2.36
N SER F 3 -15.08 44.43 3.15
CA SER F 3 -13.66 44.25 2.81
C SER F 3 -13.46 43.22 1.68
N PHE F 4 -12.20 43.03 1.28
CA PHE F 4 -11.85 41.96 0.34
C PHE F 4 -12.13 40.58 0.96
N GLU F 6 -14.48 39.63 3.03
CA GLU F 6 -15.98 39.83 2.91
C GLU F 6 -16.44 39.42 1.51
N TYR F 7 -15.85 40.05 0.50
CA TYR F 7 -16.10 39.71 -0.90
C TYR F 7 -15.58 38.33 -1.29
N TRP F 8 -14.39 37.96 -0.81
CA TRP F 8 -13.72 36.72 -1.24
C TRP F 8 -14.41 35.44 -0.75
N CYS F 9 -15.04 35.46 0.40
CA CYS F 9 -15.64 34.23 0.84
C CYS F 9 -17.02 34.11 0.25
N LEU F 10 -17.41 35.04 -0.62
CA LEU F 10 -18.79 35.34 -0.93
C LEU F 10 -19.24 34.68 -2.21
N LEU F 11 -18.72 33.49 -2.47
CA LEU F 11 -19.18 32.70 -3.63
C LEU F 11 -20.55 32.07 -3.21
N ASN G 2 -7.07 -48.69 8.27
CA ASN G 2 -7.36 -49.45 7.02
C ASN G 2 -7.50 -48.52 5.81
N GLN G 3 -7.75 -49.10 4.65
CA GLN G 3 -8.06 -48.34 3.45
C GLN G 3 -9.30 -48.89 2.77
N VAL G 4 -10.00 -48.02 2.07
CA VAL G 4 -11.16 -48.41 1.29
C VAL G 4 -11.09 -47.75 -0.08
N ARG G 5 -11.88 -48.30 -0.99
CA ARG G 5 -12.01 -47.82 -2.34
C ARG G 5 -13.41 -47.24 -2.45
N PRO G 6 -13.51 -45.91 -2.62
CA PRO G 6 -14.79 -45.29 -2.94
C PRO G 6 -15.34 -45.80 -4.25
N LYS G 7 -16.65 -45.83 -4.36
CA LYS G 7 -17.29 -46.20 -5.61
C LYS G 7 -17.24 -45.00 -6.55
N LEU G 8 -17.45 -45.28 -7.83
CA LEU G 8 -17.27 -44.29 -8.90
C LEU G 8 -17.80 -42.88 -8.61
N PRO G 9 -19.08 -42.75 -8.17
CA PRO G 9 -19.61 -41.42 -7.84
C PRO G 9 -18.86 -40.67 -6.74
N LEU G 10 -18.62 -41.34 -5.62
CA LEU G 10 -17.88 -40.78 -4.50
C LEU G 10 -16.47 -40.37 -4.94
N LEU G 11 -15.87 -41.14 -5.86
CA LEU G 11 -14.50 -40.90 -6.25
C LEU G 11 -14.27 -39.71 -7.18
N LYS G 12 -15.14 -39.55 -8.18
CA LYS G 12 -15.12 -38.36 -9.06
C LYS G 12 -15.10 -37.08 -8.24
N ILE G 13 -15.99 -37.05 -7.26
CA ILE G 13 -16.13 -35.98 -6.28
C ILE G 13 -14.86 -35.77 -5.47
N LEU G 14 -14.32 -36.85 -4.91
CA LEU G 14 -13.07 -36.78 -4.14
C LEU G 14 -11.92 -36.28 -5.01
N HIS G 15 -11.92 -36.72 -6.27
CA HIS G 15 -10.94 -36.26 -7.25
C HIS G 15 -11.09 -34.79 -7.57
N ALA G 16 -12.32 -34.31 -7.67
CA ALA G 16 -12.59 -32.89 -7.88
C ALA G 16 -12.04 -32.00 -6.76
N ALA G 17 -12.07 -32.50 -5.53
CA ALA G 17 -11.53 -31.77 -4.37
C ALA G 17 -10.00 -31.82 -4.22
N GLY G 18 -9.33 -32.64 -5.04
CA GLY G 18 -7.86 -32.72 -5.06
C GLY G 18 -7.26 -33.92 -4.35
N ALA G 19 -8.01 -35.01 -4.26
CA ALA G 19 -7.49 -36.28 -3.74
C ALA G 19 -6.70 -36.96 -4.84
N GLN G 20 -5.58 -37.60 -4.47
CA GLN G 20 -4.69 -38.27 -5.41
C GLN G 20 -4.72 -39.76 -5.20
N GLY G 21 -5.58 -40.45 -5.95
CA GLY G 21 -5.55 -41.91 -6.03
C GLY G 21 -6.89 -42.60 -6.02
N GLU G 22 -6.86 -43.86 -5.59
CA GLU G 22 -8.04 -44.71 -5.51
C GLU G 22 -8.30 -45.34 -4.14
N MET G 23 -7.35 -45.21 -3.22
CA MET G 23 -7.44 -45.86 -1.91
C MET G 23 -7.14 -44.86 -0.80
N PHE G 24 -8.07 -44.70 0.15
CA PHE G 24 -7.91 -43.77 1.26
C PHE G 24 -8.38 -44.37 2.59
N THR G 25 -8.04 -43.65 3.65
CA THR G 25 -8.55 -43.90 4.99
C THR G 25 -9.71 -42.92 5.18
N VAL G 26 -10.71 -43.33 5.96
CA VAL G 26 -11.96 -42.55 6.16
C VAL G 26 -11.70 -41.09 6.52
N LYS G 27 -10.69 -40.86 7.36
CA LYS G 27 -10.29 -39.51 7.78
C LYS G 27 -9.91 -38.60 6.61
N GLU G 28 -9.19 -39.16 5.63
CA GLU G 28 -8.85 -38.44 4.38
C GLU G 28 -10.13 -38.10 3.62
N VAL G 29 -11.02 -39.09 3.55
CA VAL G 29 -12.27 -38.98 2.82
C VAL G 29 -13.12 -37.86 3.45
N MET G 30 -13.12 -37.78 4.79
CA MET G 30 -13.77 -36.67 5.50
C MET G 30 -13.17 -35.33 5.09
N HIS G 31 -11.85 -35.26 5.11
CA HIS G 31 -11.13 -34.04 4.77
C HIS G 31 -11.42 -33.55 3.37
N TYR G 32 -11.31 -34.46 2.40
CA TYR G 32 -11.60 -34.13 1.00
C TYR G 32 -13.08 -33.88 0.76
N LEU G 33 -13.94 -34.47 1.59
CA LEU G 33 -15.38 -34.19 1.51
C LEU G 33 -15.68 -32.76 1.95
N GLY G 34 -15.03 -32.33 3.02
CA GLY G 34 -15.18 -30.96 3.54
C GLY G 34 -14.62 -29.92 2.60
N GLN G 35 -13.38 -30.13 2.14
CA GLN G 35 -12.75 -29.23 1.18
C GLN G 35 -13.47 -29.18 -0.16
N TYR G 36 -14.16 -30.27 -0.50
CA TYR G 36 -15.04 -30.28 -1.65
C TYR G 36 -16.10 -29.20 -1.50
N ILE G 37 -16.82 -29.26 -0.38
CA ILE G 37 -17.90 -28.34 -0.04
C ILE G 37 -17.42 -26.88 -0.06
N MET G 38 -16.24 -26.66 0.53
CA MET G 38 -15.64 -25.32 0.59
C MET G 38 -15.32 -24.78 -0.80
N VAL G 39 -14.64 -25.59 -1.61
CA VAL G 39 -14.29 -25.20 -2.98
C VAL G 39 -15.54 -25.07 -3.85
N LYS G 40 -16.49 -25.97 -3.67
CA LYS G 40 -17.71 -25.97 -4.48
C LYS G 40 -18.77 -24.98 -3.98
N GLN G 41 -18.53 -24.37 -2.81
CA GLN G 41 -19.37 -23.30 -2.26
C GLN G 41 -20.83 -23.72 -2.04
N LEU G 42 -21.01 -24.90 -1.47
CA LEU G 42 -22.33 -25.45 -1.19
C LEU G 42 -22.84 -25.08 0.20
N TYR G 43 -21.93 -24.69 1.09
CA TYR G 43 -22.28 -24.41 2.48
C TYR G 43 -22.99 -23.06 2.62
N ASP G 44 -23.94 -23.01 3.55
CA ASP G 44 -24.83 -21.88 3.71
C ASP G 44 -24.09 -20.69 4.32
N ALA G 45 -24.28 -19.51 3.71
CA ALA G 45 -23.56 -18.29 4.08
C ALA G 45 -23.78 -17.89 5.54
N ALA G 46 -25.04 -17.79 5.95
CA ALA G 46 -25.39 -17.35 7.31
C ALA G 46 -25.26 -18.47 8.33
N ALA G 47 -25.84 -19.63 8.01
CA ALA G 47 -25.81 -20.81 8.88
C ALA G 47 -24.88 -21.87 8.30
N GLN G 48 -23.59 -21.76 8.58
CA GLN G 48 -22.56 -22.53 7.84
C GLN G 48 -22.53 -24.05 8.09
N HIS G 49 -23.24 -24.53 9.11
CA HIS G 49 -23.47 -25.98 9.28
C HIS G 49 -24.47 -26.54 8.26
N MET G 50 -25.28 -25.66 7.67
CA MET G 50 -26.20 -26.04 6.62
C MET G 50 -25.49 -26.14 5.29
N VAL G 51 -25.69 -27.28 4.61
CA VAL G 51 -25.08 -27.57 3.32
C VAL G 51 -26.20 -27.96 2.36
N TYR G 52 -26.21 -27.33 1.18
CA TYR G 52 -27.18 -27.65 0.13
C TYR G 52 -26.48 -28.36 -1.01
N CYS G 53 -26.85 -29.61 -1.22
CA CYS G 53 -26.30 -30.42 -2.30
C CYS G 53 -27.28 -30.57 -3.49
N GLY G 54 -28.37 -29.79 -3.48
CA GLY G 54 -29.47 -29.92 -4.46
C GLY G 54 -29.08 -30.04 -5.92
N GLY G 55 -28.51 -28.97 -6.47
CA GLY G 55 -28.03 -28.95 -7.85
C GLY G 55 -26.54 -29.22 -7.92
N ASP G 56 -26.15 -30.39 -7.43
CA ASP G 56 -24.76 -30.82 -7.38
C ASP G 56 -24.70 -32.32 -7.17
N LEU G 57 -23.73 -32.95 -7.82
CA LEU G 57 -23.56 -34.41 -7.81
C LEU G 57 -23.44 -35.05 -6.43
N LEU G 58 -22.98 -34.29 -5.44
CA LEU G 58 -23.04 -34.72 -4.05
C LEU G 58 -24.48 -34.97 -3.60
N GLY G 59 -25.41 -34.14 -4.08
CA GLY G 59 -26.83 -34.28 -3.78
C GLY G 59 -27.53 -35.38 -4.56
N GLU G 60 -26.96 -35.77 -5.69
CA GLU G 60 -27.41 -36.97 -6.40
C GLU G 60 -27.02 -38.23 -5.62
N LEU G 61 -25.90 -38.15 -4.90
CA LEU G 61 -25.36 -39.27 -4.14
C LEU G 61 -26.20 -39.62 -2.91
N LEU G 62 -26.38 -38.63 -2.03
CA LEU G 62 -27.24 -38.78 -0.86
C LEU G 62 -28.55 -38.20 -1.35
N GLY G 63 -29.60 -39.01 -1.36
CA GLY G 63 -30.90 -38.57 -1.89
C GLY G 63 -31.56 -37.43 -1.13
N ARG G 64 -30.89 -36.28 -1.12
CA ARG G 64 -31.34 -35.08 -0.42
C ARG G 64 -31.03 -33.87 -1.26
N GLN G 65 -31.50 -32.73 -0.78
CA GLN G 65 -31.12 -31.42 -1.30
C GLN G 65 -30.25 -30.64 -0.33
N SER G 66 -30.40 -30.92 0.96
CA SER G 66 -29.63 -30.25 1.98
C SER G 66 -29.45 -31.16 3.17
N PHE G 67 -28.43 -30.88 3.98
CA PHE G 67 -28.25 -31.57 5.24
C PHE G 67 -27.42 -30.72 6.17
N SER G 68 -27.50 -31.05 7.46
CA SER G 68 -26.77 -30.33 8.48
C SER G 68 -25.53 -31.11 8.86
N VAL G 69 -24.50 -30.38 9.27
CA VAL G 69 -23.28 -30.97 9.81
C VAL G 69 -23.55 -31.45 11.24
N LYS G 70 -24.65 -30.96 11.82
CA LYS G 70 -25.06 -31.36 13.17
C LYS G 70 -25.78 -32.71 13.18
N ASP G 71 -26.42 -33.07 12.07
CA ASP G 71 -26.93 -34.42 11.87
C ASP G 71 -26.42 -34.97 10.54
N PRO G 72 -25.24 -35.62 10.57
CA PRO G 72 -24.55 -36.25 9.45
C PRO G 72 -24.99 -37.69 9.18
N SER G 73 -26.14 -38.07 9.72
CA SER G 73 -26.75 -39.39 9.51
C SER G 73 -26.82 -39.80 8.03
N PRO G 74 -27.21 -38.86 7.13
CA PRO G 74 -27.26 -39.21 5.70
C PRO G 74 -25.89 -39.31 5.02
N LEU G 75 -24.93 -38.49 5.45
CA LEU G 75 -23.55 -38.57 4.96
C LEU G 75 -22.89 -39.87 5.43
N TYR G 76 -23.14 -40.24 6.68
CA TYR G 76 -22.66 -41.50 7.23
C TYR G 76 -23.32 -42.71 6.57
N ASP G 77 -24.59 -42.55 6.19
CA ASP G 77 -25.33 -43.56 5.42
C ASP G 77 -24.78 -43.69 3.99
N MET G 78 -24.31 -42.57 3.42
CA MET G 78 -23.70 -42.58 2.09
C MET G 78 -22.35 -43.30 2.08
N LEU G 79 -21.54 -43.07 3.11
CA LEU G 79 -20.23 -43.71 3.22
C LEU G 79 -20.30 -45.20 3.43
N ARG G 80 -21.35 -45.66 4.11
CA ARG G 80 -21.60 -47.10 4.22
C ARG G 80 -21.85 -47.68 2.83
N LYS G 81 -22.73 -47.02 2.07
CA LYS G 81 -23.11 -47.49 0.73
C LYS G 81 -22.00 -47.36 -0.31
N ASN G 82 -21.15 -46.34 -0.21
CA ASN G 82 -20.15 -46.06 -1.27
C ASN G 82 -18.68 -46.26 -0.85
N LEU G 83 -18.44 -47.11 0.15
CA LEU G 83 -17.07 -47.51 0.53
C LEU G 83 -17.00 -49.03 0.70
N THR H 2 -19.81 -19.10 14.07
CA THR H 2 -18.76 -20.13 13.81
C THR H 2 -18.82 -20.61 12.36
N SER H 3 -17.64 -20.90 11.81
CA SER H 3 -17.51 -21.25 10.38
C SER H 3 -17.81 -22.71 10.09
N PHE H 4 -17.85 -23.07 8.81
CA PHE H 4 -18.17 -24.44 8.37
C PHE H 4 -16.99 -25.34 8.67
N GLU H 6 -14.75 -25.35 11.11
CA GLU H 6 -14.98 -25.46 12.60
C GLU H 6 -16.11 -26.44 12.95
N TYR H 7 -17.22 -26.37 12.21
CA TYR H 7 -18.26 -27.41 12.27
C TYR H 7 -17.78 -28.76 11.73
N TRP H 8 -17.11 -28.71 10.57
CA TRP H 8 -16.76 -29.92 9.84
C TRP H 8 -15.83 -30.86 10.61
N CYS H 9 -14.76 -30.32 11.16
CA CYS H 9 -13.78 -31.10 11.93
C CYS H 9 -14.25 -31.50 13.35
N LEU H 10 -15.50 -31.18 13.69
CA LEU H 10 -16.20 -31.81 14.81
C LEU H 10 -16.87 -33.15 14.45
N LEU H 11 -16.54 -33.70 13.27
CA LEU H 11 -16.86 -35.08 12.91
C LEU H 11 -15.59 -35.91 12.74
N SER H 12 -14.53 -35.56 13.48
CA SER H 12 -13.23 -36.23 13.38
C SER H 12 -12.37 -36.03 14.63
N GLN I 3 2.80 -26.39 -13.41
N GLN I 3 2.73 -25.98 -13.60
CA GLN I 3 4.29 -26.51 -13.47
CA GLN I 3 4.13 -26.48 -13.58
C GLN I 3 4.83 -26.16 -14.85
C GLN I 3 4.83 -26.17 -14.89
N VAL I 4 5.66 -25.12 -14.89
CA VAL I 4 6.30 -24.65 -16.14
C VAL I 4 7.68 -24.02 -15.87
N ARG I 5 8.57 -24.17 -16.85
CA ARG I 5 9.96 -23.71 -16.75
C ARG I 5 10.11 -22.49 -17.66
N PRO I 6 10.84 -21.46 -17.19
CA PRO I 6 11.18 -20.35 -18.08
C PRO I 6 12.51 -20.53 -18.79
N LYS I 7 12.75 -19.65 -19.76
CA LYS I 7 14.00 -19.63 -20.51
C LYS I 7 14.97 -18.75 -19.74
N LEU I 8 16.23 -18.72 -20.18
CA LEU I 8 17.32 -18.21 -19.34
C LEU I 8 17.25 -16.75 -18.87
N PRO I 9 16.84 -15.79 -19.74
CA PRO I 9 16.77 -14.40 -19.27
C PRO I 9 15.70 -14.19 -18.21
N LEU I 10 14.51 -14.73 -18.45
CA LEU I 10 13.41 -14.70 -17.49
C LEU I 10 13.82 -15.35 -16.17
N LEU I 11 14.51 -16.48 -16.28
CA LEU I 11 14.98 -17.23 -15.12
C LEU I 11 15.94 -16.38 -14.27
N LYS I 12 16.89 -15.72 -14.94
CA LYS I 12 17.81 -14.79 -14.27
C LYS I 12 17.09 -13.68 -13.55
N ILE I 13 16.07 -13.11 -14.20
CA ILE I 13 15.22 -12.09 -13.59
C ILE I 13 14.46 -12.61 -12.37
N LEU I 14 13.91 -13.81 -12.47
CA LEU I 14 13.20 -14.43 -11.35
C LEU I 14 14.09 -14.63 -10.13
N HIS I 15 15.28 -15.20 -10.37
CA HIS I 15 16.27 -15.38 -9.31
C HIS I 15 16.80 -14.06 -8.75
N ALA I 16 16.80 -13.02 -9.58
CA ALA I 16 17.17 -11.66 -9.15
C ALA I 16 16.18 -11.07 -8.13
N ALA I 17 14.91 -11.44 -8.26
CA ALA I 17 13.88 -11.07 -7.28
C ALA I 17 13.99 -11.86 -5.96
N GLY I 18 14.69 -12.99 -6.00
CA GLY I 18 14.87 -13.86 -4.84
C GLY I 18 14.26 -15.25 -4.98
N ALA I 19 13.84 -15.62 -6.19
CA ALA I 19 13.27 -16.94 -6.45
C ALA I 19 14.33 -18.02 -6.42
N GLN I 20 13.89 -19.25 -6.18
CA GLN I 20 14.74 -20.43 -6.18
C GLN I 20 14.09 -21.51 -7.03
N GLY I 21 14.94 -22.33 -7.67
CA GLY I 21 14.49 -23.43 -8.52
C GLY I 21 14.53 -23.08 -9.99
N GLU I 22 14.13 -24.04 -10.80
CA GLU I 22 14.09 -23.89 -12.26
C GLU I 22 12.69 -24.07 -12.86
N MET I 23 11.69 -24.33 -12.01
CA MET I 23 10.34 -24.61 -12.46
C MET I 23 9.38 -23.85 -11.59
N PHE I 24 8.46 -23.13 -12.22
CA PHE I 24 7.50 -22.31 -11.50
C PHE I 24 6.11 -22.54 -12.04
N THR I 25 5.14 -22.06 -11.27
CA THR I 25 3.77 -21.93 -11.74
C THR I 25 3.63 -20.51 -12.25
N VAL I 26 2.58 -20.24 -13.02
CA VAL I 26 2.29 -18.90 -13.53
C VAL I 26 2.15 -17.84 -12.43
N LYS I 27 1.53 -18.24 -11.32
CA LYS I 27 1.30 -17.36 -10.17
C LYS I 27 2.60 -17.00 -9.43
N GLU I 28 3.58 -17.89 -9.47
CA GLU I 28 4.88 -17.67 -8.84
C GLU I 28 5.66 -16.65 -9.65
N VAL I 29 5.61 -16.84 -10.97
CA VAL I 29 6.28 -15.96 -11.92
C VAL I 29 5.75 -14.53 -11.79
N MET I 30 4.43 -14.39 -11.77
CA MET I 30 3.78 -13.09 -11.60
C MET I 30 4.24 -12.41 -10.30
N HIS I 31 4.19 -13.16 -9.21
CA HIS I 31 4.65 -12.68 -7.90
C HIS I 31 6.07 -12.16 -7.96
N TYR I 32 6.97 -13.00 -8.47
CA TYR I 32 8.39 -12.69 -8.53
C TYR I 32 8.76 -11.62 -9.54
N LEU I 33 7.92 -11.46 -10.55
CA LEU I 33 8.08 -10.40 -11.52
C LEU I 33 7.80 -9.04 -10.90
N GLY I 34 6.75 -9.00 -10.07
CA GLY I 34 6.39 -7.82 -9.30
C GLY I 34 7.47 -7.38 -8.33
N GLN I 35 8.11 -8.35 -7.68
CA GLN I 35 9.24 -8.06 -6.81
C GLN I 35 10.42 -7.48 -7.59
N TYR I 36 10.70 -8.03 -8.77
CA TYR I 36 11.81 -7.58 -9.62
C TYR I 36 11.67 -6.11 -10.02
N ILE I 37 10.47 -5.71 -10.41
CA ILE I 37 10.17 -4.31 -10.73
C ILE I 37 10.35 -3.43 -9.48
N MET I 38 9.87 -3.93 -8.35
CA MET I 38 10.00 -3.23 -7.06
C MET I 38 11.43 -3.14 -6.52
N VAL I 39 12.16 -4.27 -6.53
CA VAL I 39 13.58 -4.26 -6.09
C VAL I 39 14.43 -3.34 -6.95
N LYS I 40 14.27 -3.44 -8.26
CA LYS I 40 15.06 -2.65 -9.22
C LYS I 40 14.48 -1.25 -9.43
N GLN I 41 13.23 -1.05 -9.01
CA GLN I 41 12.55 0.25 -9.08
C GLN I 41 12.45 0.75 -10.52
N LEU I 42 11.58 0.08 -11.26
CA LEU I 42 11.40 0.32 -12.69
C LEU I 42 10.12 1.06 -13.02
N TYR I 43 9.31 1.33 -12.01
CA TYR I 43 8.06 2.05 -12.21
C TYR I 43 8.30 3.54 -12.00
N ASP I 44 7.59 4.32 -12.81
CA ASP I 44 7.59 5.78 -12.68
C ASP I 44 7.01 6.15 -11.32
N ALA I 45 7.74 6.96 -10.57
CA ALA I 45 7.25 7.43 -9.27
C ALA I 45 5.96 8.24 -9.42
N ALA I 46 5.88 9.07 -10.45
CA ALA I 46 4.70 9.92 -10.69
C ALA I 46 3.43 9.14 -11.11
N ALA I 47 3.61 8.10 -11.94
CA ALA I 47 2.50 7.24 -12.37
C ALA I 47 2.94 5.79 -12.18
N GLN I 48 2.55 5.19 -11.06
CA GLN I 48 3.11 3.89 -10.66
C GLN I 48 2.65 2.69 -11.49
N HIS I 49 1.61 2.86 -12.31
CA HIS I 49 1.19 1.83 -13.28
C HIS I 49 2.09 1.72 -14.51
N MET I 50 2.86 2.78 -14.77
CA MET I 50 3.83 2.80 -15.88
C MET I 50 5.13 2.18 -15.40
N VAL I 51 5.60 1.17 -16.12
CA VAL I 51 6.89 0.54 -15.85
C VAL I 51 7.83 0.82 -17.01
N TYR I 52 8.89 1.57 -16.74
CA TYR I 52 9.92 1.87 -17.72
C TYR I 52 11.05 0.88 -17.54
N CYS I 53 11.16 -0.06 -18.47
CA CYS I 53 12.16 -1.13 -18.39
C CYS I 53 13.24 -0.99 -19.48
N GLY I 54 13.48 0.24 -19.93
CA GLY I 54 14.40 0.51 -21.04
C GLY I 54 15.86 0.21 -20.75
N GLY I 55 16.31 0.60 -19.55
CA GLY I 55 17.69 0.38 -19.12
C GLY I 55 17.86 -0.84 -18.26
N ASP I 56 17.18 -1.92 -18.61
CA ASP I 56 17.14 -3.13 -17.80
C ASP I 56 17.17 -4.36 -18.69
N LEU I 57 17.47 -5.49 -18.07
CA LEU I 57 17.42 -6.79 -18.75
C LEU I 57 15.99 -7.16 -19.13
N LEU I 58 15.03 -6.75 -18.30
CA LEU I 58 13.61 -6.97 -18.55
C LEU I 58 13.17 -6.39 -19.91
N GLY I 59 13.71 -5.22 -20.26
CA GLY I 59 13.45 -4.60 -21.57
C GLY I 59 14.07 -5.34 -22.75
N GLU I 60 15.22 -5.96 -22.54
CA GLU I 60 15.86 -6.82 -23.56
C GLU I 60 15.00 -8.05 -23.82
N LEU I 61 14.49 -8.62 -22.74
CA LEU I 61 13.64 -9.81 -22.75
C LEU I 61 12.23 -9.51 -23.31
N LEU I 62 11.78 -8.27 -23.15
CA LEU I 62 10.49 -7.80 -23.67
C LEU I 62 10.55 -7.29 -25.10
N GLY I 63 11.64 -6.61 -25.46
CA GLY I 63 11.75 -5.92 -26.74
C GLY I 63 10.97 -4.62 -26.70
N ARG I 64 10.96 -4.00 -25.51
CA ARG I 64 10.22 -2.77 -25.27
C ARG I 64 10.95 -1.88 -24.27
N GLN I 65 10.60 -0.61 -24.29
CA GLN I 65 11.15 0.39 -23.37
C GLN I 65 10.23 0.64 -22.17
N SER I 66 8.93 0.42 -22.36
CA SER I 66 7.96 0.60 -21.29
C SER I 66 6.85 -0.42 -21.44
N PHE I 67 5.97 -0.47 -20.46
CA PHE I 67 4.69 -1.16 -20.56
C PHE I 67 3.82 -0.69 -19.39
N SER I 68 2.51 -0.77 -19.56
CA SER I 68 1.59 -0.37 -18.51
C SER I 68 1.06 -1.61 -17.82
N VAL I 69 0.95 -1.55 -16.50
CA VAL I 69 0.23 -2.56 -15.73
C VAL I 69 -1.27 -2.50 -16.08
N LYS I 70 -1.71 -1.34 -16.55
CA LYS I 70 -3.08 -1.16 -17.04
C LYS I 70 -3.39 -1.88 -18.34
N ASP I 71 -2.37 -2.12 -19.16
CA ASP I 71 -2.49 -2.87 -20.40
C ASP I 71 -1.35 -3.88 -20.46
N PRO I 72 -1.51 -5.03 -19.77
CA PRO I 72 -0.40 -5.99 -19.65
C PRO I 72 -0.30 -7.02 -20.79
N SER I 73 -1.03 -6.82 -21.89
CA SER I 73 -1.01 -7.74 -23.03
C SER I 73 0.41 -8.01 -23.58
N PRO I 74 1.25 -6.95 -23.75
CA PRO I 74 2.68 -7.07 -24.07
C PRO I 74 3.50 -7.94 -23.11
N LEU I 75 3.15 -7.88 -21.84
CA LEU I 75 3.84 -8.60 -20.78
C LEU I 75 3.50 -10.09 -20.85
N TYR I 76 2.25 -10.37 -21.21
CA TYR I 76 1.78 -11.74 -21.41
C TYR I 76 2.27 -12.34 -22.73
N ASP I 77 2.57 -11.48 -23.71
CA ASP I 77 3.15 -11.94 -24.97
C ASP I 77 4.63 -12.32 -24.83
N MET I 78 5.36 -11.64 -23.96
CA MET I 78 6.71 -12.08 -23.62
C MET I 78 6.65 -13.42 -22.92
N LEU I 79 5.82 -13.48 -21.89
CA LEU I 79 5.78 -14.63 -20.99
C LEU I 79 5.34 -15.94 -21.60
N ARG I 80 4.51 -15.85 -22.64
CA ARG I 80 4.10 -17.02 -23.41
C ARG I 80 5.29 -17.67 -24.10
N LYS I 81 6.18 -16.82 -24.63
CA LYS I 81 7.32 -17.28 -25.41
C LYS I 81 8.57 -17.47 -24.54
N ASN I 82 8.41 -17.33 -23.22
CA ASN I 82 9.49 -17.56 -22.28
C ASN I 82 9.14 -18.52 -21.15
N LEU I 83 7.97 -19.16 -21.23
CA LEU I 83 7.57 -20.23 -20.33
C LEU I 83 7.30 -21.46 -21.17
N VAL I 84 7.68 -22.62 -20.66
CA VAL I 84 7.56 -23.89 -21.38
C VAL I 84 7.39 -25.05 -20.40
N THR J 2 -2.27 5.81 -5.99
CA THR J 2 -2.34 4.32 -6.17
C THR J 2 -0.93 3.81 -6.43
N SER J 3 -0.49 2.84 -5.65
CA SER J 3 0.85 2.27 -5.76
C SER J 3 0.89 1.14 -6.79
N PHE J 4 2.10 0.87 -7.29
CA PHE J 4 2.37 -0.22 -8.23
C PHE J 4 2.00 -1.58 -7.61
N GLU J 6 -0.52 -2.82 -5.49
CA GLU J 6 -2.01 -2.62 -5.68
C GLU J 6 -2.43 -2.71 -7.15
N TYR J 7 -1.73 -2.00 -8.02
CA TYR J 7 -1.88 -2.19 -9.46
C TYR J 7 -1.53 -3.62 -9.86
N TRP J 8 -0.29 -4.01 -9.58
CA TRP J 8 0.27 -5.30 -10.03
C TRP J 8 -0.56 -6.52 -9.62
N CYS J 9 -1.03 -6.55 -8.38
CA CYS J 9 -1.71 -7.73 -7.84
C CYS J 9 -3.22 -7.81 -8.12
N LEU J 10 -3.76 -6.86 -8.89
CA LEU J 10 -5.12 -6.98 -9.42
C LEU J 10 -5.12 -7.82 -10.71
N LEU J 11 -3.95 -8.04 -11.30
CA LEU J 11 -3.82 -8.77 -12.58
C LEU J 11 -3.78 -10.29 -12.36
N SER J 12 -3.14 -10.70 -11.27
CA SER J 12 -3.02 -12.11 -10.90
C SER J 12 -3.37 -12.26 -9.42
N PRO J 13 -4.68 -12.26 -9.10
CA PRO J 13 -5.13 -12.37 -7.72
C PRO J 13 -5.19 -13.83 -7.26
N GLN K 3 19.80 20.43 13.00
CA GLN K 3 19.99 20.52 14.49
C GLN K 3 18.79 21.17 15.18
N VAL K 4 18.67 20.91 16.49
CA VAL K 4 17.60 21.43 17.36
C VAL K 4 16.21 20.88 17.03
N ARG K 5 15.68 20.07 17.94
CA ARG K 5 14.31 19.59 17.85
C ARG K 5 13.48 20.13 19.01
N PRO K 6 12.32 20.75 18.69
CA PRO K 6 11.38 21.16 19.72
C PRO K 6 10.58 20.03 20.30
N LYS K 7 10.15 20.21 21.54
CA LYS K 7 9.24 19.29 22.18
C LYS K 7 7.83 19.71 21.81
N LEU K 8 6.92 18.76 21.91
CA LEU K 8 5.52 18.92 21.44
C LEU K 8 4.85 20.27 21.76
N PRO K 9 4.93 20.73 23.04
CA PRO K 9 4.35 22.02 23.42
C PRO K 9 4.90 23.23 22.64
N LEU K 10 6.23 23.33 22.56
CA LEU K 10 6.87 24.39 21.79
C LEU K 10 6.60 24.20 20.30
N LEU K 11 6.71 22.95 19.87
CA LEU K 11 6.50 22.59 18.48
C LEU K 11 5.12 23.06 18.03
N LYS K 12 4.10 22.68 18.79
CA LYS K 12 2.72 23.11 18.54
C LYS K 12 2.60 24.62 18.40
N ILE K 13 3.23 25.35 19.32
CA ILE K 13 3.24 26.83 19.29
C ILE K 13 3.85 27.35 18.00
N LEU K 14 5.04 26.86 17.67
CA LEU K 14 5.73 27.27 16.44
C LEU K 14 4.88 27.03 15.20
N HIS K 15 4.12 25.94 15.20
CA HIS K 15 3.16 25.66 14.13
C HIS K 15 2.03 26.67 14.06
N ALA K 16 1.59 27.17 15.22
CA ALA K 16 0.57 28.22 15.29
C ALA K 16 1.01 29.54 14.67
N ALA K 17 2.32 29.82 14.70
CA ALA K 17 2.89 31.01 14.05
C ALA K 17 3.03 30.88 12.53
N GLY K 18 2.90 29.65 12.02
CA GLY K 18 3.02 29.37 10.59
C GLY K 18 4.30 28.62 10.21
N ALA K 19 5.01 28.08 11.19
CA ALA K 19 6.21 27.29 10.92
C ALA K 19 5.83 25.89 10.46
N GLN K 20 6.71 25.28 9.69
CA GLN K 20 6.58 23.92 9.22
C GLN K 20 7.80 23.16 9.67
N GLY K 21 7.66 21.84 9.78
CA GLY K 21 8.79 20.94 10.03
C GLY K 21 8.82 20.34 11.42
N GLU K 22 9.95 19.71 11.72
CA GLU K 22 10.20 19.09 13.02
C GLU K 22 11.47 19.57 13.73
N MET K 23 12.41 20.13 12.96
CA MET K 23 13.66 20.64 13.50
C MET K 23 13.88 21.99 12.84
N PHE K 24 14.27 22.99 13.63
CA PHE K 24 14.51 24.33 13.12
C PHE K 24 15.94 24.69 13.45
N THR K 25 16.26 25.96 13.31
CA THR K 25 17.43 26.55 13.92
C THR K 25 16.92 27.25 15.16
N VAL K 26 17.84 27.64 16.01
CA VAL K 26 17.49 28.45 17.18
C VAL K 26 17.18 29.88 16.71
N LYS K 27 17.75 30.26 15.56
CA LYS K 27 17.38 31.47 14.84
C LYS K 27 15.88 31.49 14.51
N GLU K 28 15.38 30.35 14.02
CA GLU K 28 13.99 30.18 13.61
C GLU K 28 13.01 30.23 14.77
N VAL K 29 13.32 29.56 15.88
CA VAL K 29 12.44 29.61 17.07
C VAL K 29 12.16 31.03 17.52
N MET K 30 13.20 31.86 17.52
CA MET K 30 13.12 33.27 17.96
C MET K 30 12.16 34.06 17.08
N HIS K 31 12.36 33.93 15.76
CA HIS K 31 11.52 34.58 14.78
C HIS K 31 10.06 34.20 14.98
N TYR K 32 9.82 32.89 15.04
CA TYR K 32 8.47 32.36 15.19
C TYR K 32 7.85 32.56 16.57
N LEU K 33 8.70 32.70 17.59
CA LEU K 33 8.23 33.03 18.93
C LEU K 33 7.68 34.45 18.92
N GLY K 34 8.45 35.37 18.36
CA GLY K 34 8.01 36.74 18.15
C GLY K 34 6.71 36.79 17.37
N GLN K 35 6.68 36.11 16.23
CA GLN K 35 5.46 35.99 15.42
C GLN K 35 4.27 35.51 16.24
N TYR K 36 4.45 34.42 16.96
CA TYR K 36 3.40 33.82 17.79
C TYR K 36 2.81 34.81 18.80
N ILE K 37 3.68 35.57 19.45
CA ILE K 37 3.27 36.58 20.42
C ILE K 37 2.35 37.62 19.78
N MET K 38 2.66 38.04 18.55
CA MET K 38 1.84 39.05 17.83
C MET K 38 0.47 38.51 17.44
N VAL K 39 0.49 37.32 16.83
CA VAL K 39 -0.71 36.64 16.34
C VAL K 39 -1.74 36.47 17.45
N LYS K 40 -1.27 36.13 18.66
CA LYS K 40 -2.12 36.03 19.85
C LYS K 40 -2.04 37.34 20.70
N GLN K 41 -1.42 38.38 20.15
CA GLN K 41 -1.16 39.63 20.85
C GLN K 41 -0.30 39.46 22.10
N LEU K 42 -0.89 39.05 23.22
CA LEU K 42 -0.13 38.75 24.46
C LEU K 42 0.75 39.88 25.00
N TYR K 43 1.40 40.66 24.13
CA TYR K 43 2.10 41.87 24.53
C TYR K 43 1.09 42.91 24.97
N ASP K 44 1.41 43.57 26.07
CA ASP K 44 0.61 44.67 26.59
C ASP K 44 0.61 45.82 25.59
N ALA K 45 -0.56 46.31 25.22
CA ALA K 45 -0.71 47.31 24.16
C ALA K 45 -0.18 48.71 24.50
N ALA K 46 -0.10 49.04 25.79
CA ALA K 46 0.44 50.33 26.25
C ALA K 46 1.94 50.26 26.51
N ALA K 47 2.36 49.15 27.13
CA ALA K 47 3.75 48.86 27.40
C ALA K 47 4.13 47.64 26.57
N GLN K 48 4.47 47.89 25.31
CA GLN K 48 4.66 46.84 24.30
C GLN K 48 5.80 45.86 24.60
N HIS K 49 6.69 46.26 25.51
CA HIS K 49 7.82 45.42 25.94
C HIS K 49 7.45 44.29 26.91
N MET K 50 6.24 44.29 27.45
CA MET K 50 5.80 43.28 28.41
C MET K 50 4.80 42.35 27.74
N VAL K 51 5.03 41.05 27.90
CA VAL K 51 4.16 40.03 27.35
C VAL K 51 3.45 39.37 28.50
N TYR K 52 2.17 39.10 28.29
CA TYR K 52 1.33 38.37 29.21
C TYR K 52 0.87 37.10 28.53
N CYS K 53 1.47 35.99 28.95
CA CYS K 53 1.16 34.68 28.39
C CYS K 53 0.36 33.83 29.39
N GLY K 54 -0.33 34.47 30.33
CA GLY K 54 -1.03 33.77 31.41
C GLY K 54 -2.12 32.84 30.93
N GLY K 55 -3.03 33.39 30.12
CA GLY K 55 -4.14 32.63 29.55
C GLY K 55 -3.84 32.04 28.19
N ASP K 56 -2.61 31.57 28.00
CA ASP K 56 -2.17 30.98 26.75
C ASP K 56 -1.35 29.75 27.06
N LEU K 57 -1.25 28.87 26.08
CA LEU K 57 -0.34 27.75 26.19
C LEU K 57 1.05 28.22 26.52
N LEU K 58 1.60 29.20 25.79
CA LEU K 58 2.98 29.72 25.99
C LEU K 58 3.39 29.97 27.46
N GLY K 59 2.47 30.51 28.27
CA GLY K 59 2.73 30.73 29.69
C GLY K 59 2.72 29.44 30.47
N GLU K 60 1.76 28.57 30.12
CA GLU K 60 1.72 27.18 30.61
C GLU K 60 3.00 26.35 30.35
N LEU K 61 3.98 26.93 29.65
CA LEU K 61 5.29 26.32 29.36
C LEU K 61 6.40 27.01 30.12
N LEU K 62 6.41 28.35 30.09
CA LEU K 62 7.39 29.15 30.82
C LEU K 62 7.31 28.93 32.33
N GLY K 63 6.14 28.52 32.82
CA GLY K 63 5.92 28.41 34.26
C GLY K 63 5.80 29.81 34.81
N ARG K 64 5.11 30.65 34.03
CA ARG K 64 5.01 32.08 34.28
C ARG K 64 3.66 32.57 33.76
N GLN K 65 3.50 33.88 33.68
CA GLN K 65 2.42 34.50 32.95
C GLN K 65 2.77 35.91 32.41
N SER K 66 4.00 36.35 32.62
CA SER K 66 4.43 37.67 32.20
C SER K 66 5.94 37.68 32.14
N PHE K 67 6.49 38.23 31.07
CA PHE K 67 7.92 38.47 31.00
C PHE K 67 8.17 39.71 30.16
N SER K 68 9.39 40.23 30.26
CA SER K 68 9.79 41.41 29.51
C SER K 68 10.73 41.01 28.39
N VAL K 69 10.67 41.78 27.30
CA VAL K 69 11.59 41.62 26.18
C VAL K 69 12.94 42.29 26.52
N LYS K 70 12.91 43.25 27.44
CA LYS K 70 14.12 43.93 27.93
C LYS K 70 14.94 43.07 28.89
N ASP K 71 14.29 42.07 29.46
CA ASP K 71 14.91 41.11 30.34
C ASP K 71 14.35 39.76 29.87
N PRO K 72 14.85 39.28 28.71
CA PRO K 72 14.39 38.02 28.15
C PRO K 72 15.07 36.82 28.80
N SER K 73 15.67 37.04 29.97
CA SER K 73 16.42 35.99 30.70
C SER K 73 15.63 34.70 30.95
N PRO K 74 14.30 34.79 31.16
CA PRO K 74 13.49 33.56 31.21
C PRO K 74 13.45 32.68 29.94
N LEU K 75 13.81 33.23 28.77
CA LEU K 75 13.93 32.39 27.55
C LEU K 75 15.34 31.77 27.48
N TYR K 76 15.48 30.79 28.36
CA TYR K 76 16.66 29.95 28.59
C TYR K 76 16.01 28.81 29.35
N ASP K 77 15.48 29.15 30.53
CA ASP K 77 14.58 28.31 31.32
C ASP K 77 13.59 27.61 30.41
N MET K 78 12.93 28.38 29.55
CA MET K 78 12.24 27.83 28.41
C MET K 78 13.17 28.03 27.22
N LEU K 79 13.54 26.92 26.59
CA LEU K 79 14.43 26.80 25.40
C LEU K 79 15.53 25.82 25.73
N ARG K 80 16.33 26.14 26.76
CA ARG K 80 17.32 25.19 27.26
C ARG K 80 16.69 23.87 27.64
N LYS K 81 15.53 23.95 28.28
CA LYS K 81 14.82 22.75 28.74
C LYS K 81 13.86 22.21 27.69
N ASN K 82 13.61 22.98 26.61
CA ASN K 82 12.59 22.64 25.62
C ASN K 82 13.10 22.45 24.19
N LEU K 83 14.40 22.53 23.95
CA LEU K 83 14.96 22.29 22.61
C LEU K 83 16.01 21.19 22.68
N VAL K 84 15.53 19.95 22.61
CA VAL K 84 16.40 18.77 22.49
C VAL K 84 17.27 18.81 21.23
N THR L 2 7.60 52.92 21.38
CA THR L 2 8.07 51.95 20.35
C THR L 2 7.38 50.60 20.54
N SER L 3 7.08 49.93 19.42
CA SER L 3 6.24 48.72 19.42
C SER L 3 6.99 47.46 19.87
N PHE L 4 6.25 46.36 20.02
CA PHE L 4 6.83 45.05 20.36
C PHE L 4 7.80 44.55 19.28
N GLU L 6 10.02 45.88 17.13
CA GLU L 6 11.15 46.81 17.46
C GLU L 6 11.97 46.30 18.65
N TYR L 7 11.27 45.98 19.75
CA TYR L 7 11.88 45.38 20.93
C TYR L 7 12.36 43.96 20.68
N TRP L 8 11.52 43.14 20.03
CA TRP L 8 11.83 41.72 19.80
C TRP L 8 13.10 41.51 18.97
N CYS L 9 13.23 42.27 17.88
CA CYS L 9 14.41 42.19 17.00
C CYS L 9 15.64 42.97 17.49
N LEU L 10 15.57 43.52 18.70
CA LEU L 10 16.77 43.94 19.45
C LEU L 10 17.35 42.80 20.31
N LEU L 11 16.80 41.60 20.17
CA LEU L 11 17.41 40.37 20.66
C LEU L 11 18.11 39.72 19.45
N SER L 12 19.08 40.45 18.91
CA SER L 12 19.72 40.08 17.64
C SER L 12 21.02 40.85 17.41
N ASN M 2 30.97 1.75 4.16
CA ASN M 2 29.75 1.50 3.35
C ASN M 2 29.76 2.41 2.12
N GLN M 3 29.78 1.80 0.95
CA GLN M 3 29.69 2.54 -0.28
C GLN M 3 28.48 2.08 -1.08
N VAL M 4 27.73 3.05 -1.59
CA VAL M 4 26.49 2.83 -2.30
C VAL M 4 26.74 3.15 -3.77
N ARG M 5 25.93 2.56 -4.64
CA ARG M 5 26.06 2.77 -6.07
C ARG M 5 24.78 3.35 -6.63
N PRO M 6 24.79 4.67 -6.92
CA PRO M 6 23.63 5.35 -7.46
C PRO M 6 23.14 4.78 -8.79
N LYS M 7 21.83 4.84 -8.98
CA LYS M 7 21.23 4.45 -10.26
C LYS M 7 21.47 5.55 -11.28
N LEU M 8 21.37 5.16 -12.55
CA LEU M 8 21.75 6.03 -13.68
C LEU M 8 21.24 7.48 -13.61
N PRO M 9 19.92 7.68 -13.44
CA PRO M 9 19.43 9.07 -13.34
C PRO M 9 19.97 9.83 -12.13
N LEU M 10 20.04 9.15 -10.98
CA LEU M 10 20.61 9.75 -9.78
C LEU M 10 22.09 10.02 -9.99
N LEU M 11 22.76 9.05 -10.61
CA LEU M 11 24.18 9.16 -10.93
C LEU M 11 24.49 10.34 -11.85
N LYS M 12 23.61 10.55 -12.84
CA LYS M 12 23.70 11.72 -13.74
C LYS M 12 23.69 13.03 -12.98
N ILE M 13 22.69 13.15 -12.11
CA ILE M 13 22.54 14.29 -11.19
C ILE M 13 23.83 14.56 -10.43
N LEU M 14 24.42 13.51 -9.88
CA LEU M 14 25.65 13.64 -9.09
C LEU M 14 26.82 14.04 -9.97
N HIS M 15 26.89 13.50 -11.19
CA HIS M 15 27.89 13.93 -12.18
C HIS M 15 27.78 15.41 -12.53
N ALA M 16 26.54 15.88 -12.71
CA ALA M 16 26.29 17.30 -13.06
C ALA M 16 26.78 18.29 -11.99
N ALA M 17 26.77 17.88 -10.73
CA ALA M 17 27.30 18.68 -9.63
C ALA M 17 28.83 18.58 -9.45
N GLY M 18 29.48 17.75 -10.26
CA GLY M 18 30.93 17.57 -10.22
C GLY M 18 31.42 16.42 -9.34
N ALA M 19 30.53 15.47 -9.03
CA ALA M 19 30.95 14.25 -8.33
C ALA M 19 31.70 13.35 -9.30
N GLN M 20 32.74 12.70 -8.81
CA GLN M 20 33.56 11.79 -9.62
C GLN M 20 33.36 10.36 -9.16
N GLY M 21 33.15 9.46 -10.12
CA GLY M 21 33.08 8.04 -9.87
C GLY M 21 31.69 7.46 -9.99
N GLU M 22 31.54 6.24 -9.47
CA GLU M 22 30.28 5.51 -9.49
C GLU M 22 29.88 4.93 -8.11
N MET M 23 30.70 5.19 -7.09
CA MET M 23 30.51 4.61 -5.76
C MET M 23 30.80 5.68 -4.72
N PHE M 24 29.82 5.97 -3.87
CA PHE M 24 29.98 6.94 -2.80
C PHE M 24 29.41 6.43 -1.51
N THR M 25 29.59 7.25 -0.49
CA THR M 25 28.97 7.08 0.80
C THR M 25 27.87 8.13 0.87
N VAL M 26 26.81 7.80 1.61
CA VAL M 26 25.58 8.61 1.68
C VAL M 26 25.85 10.10 2.00
N LYS M 27 26.82 10.34 2.87
CA LYS M 27 27.31 11.71 3.17
C LYS M 27 27.73 12.49 1.92
N GLU M 28 28.49 11.82 1.05
CA GLU M 28 28.90 12.38 -0.23
C GLU M 28 27.71 12.63 -1.16
N VAL M 29 26.76 11.69 -1.18
CA VAL M 29 25.60 11.78 -2.05
C VAL M 29 24.73 12.99 -1.67
N MET M 30 24.50 13.17 -0.37
CA MET M 30 23.70 14.30 0.13
C MET M 30 24.36 15.64 -0.18
N HIS M 31 25.67 15.69 0.00
CA HIS M 31 26.45 16.88 -0.31
C HIS M 31 26.24 17.28 -1.76
N TYR M 32 26.65 16.39 -2.67
CA TYR M 32 26.57 16.64 -4.12
C TYR M 32 25.17 16.93 -4.62
N LEU M 33 24.17 16.29 -4.02
CA LEU M 33 22.77 16.54 -4.35
C LEU M 33 22.35 17.94 -3.93
N GLY M 34 22.80 18.34 -2.74
CA GLY M 34 22.60 19.71 -2.25
C GLY M 34 23.16 20.75 -3.19
N GLN M 35 24.42 20.56 -3.59
CA GLN M 35 25.12 21.47 -4.51
C GLN M 35 24.51 21.49 -5.92
N TYR M 36 23.95 20.36 -6.32
CA TYR M 36 23.23 20.23 -7.58
C TYR M 36 22.03 21.19 -7.66
N ILE M 37 21.26 21.23 -6.57
CA ILE M 37 20.10 22.12 -6.45
C ILE M 37 20.51 23.60 -6.45
N MET M 38 21.65 23.88 -5.84
CA MET M 38 22.19 25.24 -5.76
C MET M 38 22.57 25.79 -7.11
N VAL M 39 23.38 25.03 -7.84
CA VAL M 39 23.87 25.45 -9.16
C VAL M 39 22.74 25.60 -10.16
N LYS M 40 21.78 24.68 -10.12
CA LYS M 40 20.62 24.72 -11.01
C LYS M 40 19.51 25.64 -10.52
N GLN M 41 19.61 26.11 -9.27
CA GLN M 41 18.69 27.10 -8.71
C GLN M 41 17.25 26.59 -8.68
N LEU M 42 17.04 25.42 -8.09
CA LEU M 42 15.71 24.83 -7.97
C LEU M 42 15.00 25.22 -6.67
N TYR M 43 15.72 25.87 -5.76
CA TYR M 43 15.08 26.40 -4.56
C TYR M 43 14.48 27.77 -4.86
N ASP M 44 13.34 28.05 -4.24
CA ASP M 44 12.66 29.34 -4.38
C ASP M 44 13.48 30.42 -3.67
N ALA M 45 13.64 31.56 -4.34
CA ALA M 45 14.47 32.68 -3.85
C ALA M 45 14.03 33.21 -2.48
N ALA M 46 12.74 33.38 -2.28
CA ALA M 46 12.20 33.88 -1.03
C ALA M 46 12.20 32.78 0.04
N ALA M 47 11.43 31.73 -0.22
CA ALA M 47 11.35 30.58 0.68
C ALA M 47 12.44 29.60 0.27
N GLN M 48 13.63 29.83 0.80
CA GLN M 48 14.83 29.09 0.37
C GLN M 48 14.81 27.58 0.69
N HIS M 49 14.00 27.18 1.68
CA HIS M 49 13.82 25.76 2.02
C HIS M 49 12.97 24.97 1.03
N MET M 50 12.11 25.64 0.27
CA MET M 50 11.23 24.95 -0.68
C MET M 50 11.98 24.70 -1.98
N VAL M 51 11.85 23.49 -2.50
CA VAL M 51 12.51 23.07 -3.74
C VAL M 51 11.44 22.65 -4.73
N TYR M 52 11.47 23.26 -5.91
CA TYR M 52 10.58 22.90 -7.01
C TYR M 52 11.39 22.20 -8.09
N CYS M 53 11.07 20.93 -8.32
CA CYS M 53 11.81 20.10 -9.27
C CYS M 53 10.93 19.54 -10.39
N GLY M 54 9.80 20.19 -10.66
CA GLY M 54 8.81 19.71 -11.63
C GLY M 54 9.32 19.47 -13.03
N GLY M 55 10.18 20.36 -13.51
CA GLY M 55 10.79 20.22 -14.83
C GLY M 55 12.18 19.61 -14.83
N ASP M 56 12.60 19.04 -13.69
CA ASP M 56 13.92 18.46 -13.55
C ASP M 56 13.83 16.94 -13.51
N LEU M 57 14.98 16.29 -13.66
CA LEU M 57 15.11 14.85 -13.47
C LEU M 57 14.85 14.46 -12.01
N LEU M 58 15.19 15.37 -11.10
CA LEU M 58 14.95 15.17 -9.68
C LEU M 58 13.46 15.01 -9.35
N GLY M 59 12.60 15.72 -10.07
CA GLY M 59 11.15 15.60 -9.90
C GLY M 59 10.55 14.31 -10.42
N GLU M 60 11.04 13.83 -11.56
CA GLU M 60 10.60 12.54 -12.11
C GLU M 60 11.03 11.36 -11.24
N LEU M 61 12.19 11.51 -10.60
CA LEU M 61 12.70 10.54 -9.63
C LEU M 61 11.90 10.56 -8.35
N LEU M 62 11.73 11.76 -7.81
CA LEU M 62 10.91 11.98 -6.62
C LEU M 62 9.46 11.60 -6.86
N GLY M 63 9.00 11.79 -8.10
CA GLY M 63 7.60 11.63 -8.46
C GLY M 63 6.77 12.81 -7.97
N ARG M 64 7.44 13.94 -7.81
CA ARG M 64 6.84 15.16 -7.26
C ARG M 64 7.38 16.36 -8.02
N GLN M 65 6.67 17.46 -7.95
CA GLN M 65 7.13 18.73 -8.49
C GLN M 65 7.64 19.69 -7.42
N SER M 66 7.55 19.30 -6.15
CA SER M 66 8.13 20.10 -5.08
C SER M 66 8.29 19.30 -3.80
N PHE M 67 9.24 19.74 -2.98
CA PHE M 67 9.41 19.23 -1.63
C PHE M 67 10.17 20.25 -0.82
N SER M 68 9.91 20.28 0.48
CA SER M 68 10.64 21.14 1.39
C SER M 68 11.80 20.35 1.99
N VAL M 69 12.78 21.08 2.50
CA VAL M 69 13.94 20.48 3.16
C VAL M 69 13.61 20.16 4.63
N LYS M 70 12.49 20.69 5.11
CA LYS M 70 12.05 20.52 6.48
C LYS M 70 11.40 19.15 6.64
N ASP M 71 10.78 18.66 5.56
CA ASP M 71 10.32 17.28 5.49
C ASP M 71 11.15 16.57 4.42
N PRO M 72 12.27 15.94 4.84
CA PRO M 72 13.15 15.20 3.93
C PRO M 72 12.71 13.76 3.69
N SER M 73 11.57 13.35 4.25
CA SER M 73 11.03 12.00 4.09
C SER M 73 10.83 11.55 2.63
N PRO M 74 10.29 12.45 1.77
CA PRO M 74 10.15 12.06 0.35
C PRO M 74 11.50 11.88 -0.35
N LEU M 75 12.47 12.72 0.00
CA LEU M 75 13.81 12.62 -0.54
C LEU M 75 14.52 11.37 -0.03
N TYR M 76 14.35 11.08 1.26
CA TYR M 76 14.93 9.87 1.85
C TYR M 76 14.34 8.62 1.24
N ASP M 77 13.05 8.68 0.90
CA ASP M 77 12.37 7.60 0.20
C ASP M 77 12.94 7.37 -1.22
N MET M 78 13.31 8.46 -1.91
CA MET M 78 13.90 8.36 -3.27
C MET M 78 15.29 7.73 -3.26
N LEU M 79 16.16 8.25 -2.39
CA LEU M 79 17.51 7.69 -2.24
C LEU M 79 17.53 6.28 -1.70
N ARG M 80 16.44 5.89 -1.03
CA ARG M 80 16.23 4.52 -0.58
C ARG M 80 16.01 3.58 -1.78
N LYS M 81 15.30 4.09 -2.78
CA LYS M 81 14.99 3.36 -4.01
C LYS M 81 16.14 3.30 -5.02
N ASN M 82 16.96 4.36 -5.09
CA ASN M 82 17.99 4.49 -6.13
C ASN M 82 19.44 4.49 -5.61
N LEU M 83 19.69 3.76 -4.53
CA LEU M 83 21.06 3.56 -4.01
C LEU M 83 21.26 2.10 -3.60
N THR N 2 18.05 33.34 6.32
CA THR N 2 18.43 31.88 6.26
C THR N 2 18.44 31.40 4.81
N SER N 3 19.55 30.78 4.42
CA SER N 3 19.74 30.32 3.04
C SER N 3 19.40 28.84 2.88
N PHE N 4 19.25 28.42 1.63
CA PHE N 4 19.08 27.00 1.30
C PHE N 4 20.28 26.19 1.78
N GLU N 6 22.24 26.63 4.49
CA GLU N 6 21.84 26.64 5.95
C GLU N 6 20.68 25.68 6.22
N TYR N 7 19.63 25.74 5.40
CA TYR N 7 18.55 24.75 5.45
C TYR N 7 19.02 23.34 5.05
N TRP N 8 20.00 23.25 4.16
CA TRP N 8 20.46 21.95 3.65
C TRP N 8 21.26 21.15 4.67
N CYS N 9 22.13 21.82 5.42
CA CYS N 9 22.97 21.15 6.43
C CYS N 9 22.32 20.99 7.81
N LEU N 10 20.99 20.99 7.84
CA LEU N 10 20.22 20.53 8.99
C LEU N 10 20.00 19.03 8.87
N LEU N 11 20.17 18.51 7.65
CA LEU N 11 19.91 17.11 7.38
C LEU N 11 21.07 16.26 7.89
N SER N 12 20.73 15.35 8.80
CA SER N 12 21.72 14.55 9.52
C SER N 12 21.08 13.31 10.13
N ASN O 2 8.12 -50.08 -13.26
CA ASN O 2 9.15 -50.82 -12.48
C ASN O 2 8.79 -50.81 -10.98
N GLN O 3 8.84 -51.97 -10.31
CA GLN O 3 8.64 -51.99 -8.86
C GLN O 3 9.97 -51.90 -8.12
N VAL O 4 9.91 -51.32 -6.93
CA VAL O 4 11.09 -50.91 -6.18
C VAL O 4 11.02 -51.52 -4.78
N ARG O 5 12.15 -52.01 -4.31
CA ARG O 5 12.31 -52.47 -2.95
C ARG O 5 13.16 -51.43 -2.24
N PRO O 6 12.57 -50.66 -1.32
CA PRO O 6 13.40 -49.72 -0.59
C PRO O 6 14.21 -50.38 0.51
N LYS O 7 15.25 -49.68 0.96
CA LYS O 7 16.06 -50.15 2.06
C LYS O 7 15.34 -49.91 3.38
N LEU O 8 15.77 -50.65 4.39
CA LEU O 8 15.17 -50.64 5.73
C LEU O 8 14.86 -49.24 6.30
N PRO O 9 15.86 -48.32 6.31
CA PRO O 9 15.62 -46.95 6.80
C PRO O 9 14.56 -46.21 6.00
N LEU O 10 14.67 -46.27 4.67
CA LEU O 10 13.69 -45.68 3.78
C LEU O 10 12.33 -46.36 3.94
N LEU O 11 12.36 -47.68 4.01
CA LEU O 11 11.17 -48.51 4.20
C LEU O 11 10.45 -48.21 5.53
N LYS O 12 11.21 -47.98 6.58
CA LYS O 12 10.68 -47.54 7.90
C LYS O 12 9.83 -46.27 7.80
N ILE O 13 10.41 -45.27 7.14
CA ILE O 13 9.79 -43.96 6.90
C ILE O 13 8.45 -44.04 6.17
N LEU O 14 8.36 -44.92 5.19
CA LEU O 14 7.17 -45.03 4.34
C LEU O 14 6.06 -45.76 5.08
N HIS O 15 6.44 -46.66 5.98
CA HIS O 15 5.51 -47.28 6.93
C HIS O 15 4.91 -46.28 7.91
N ALA O 16 5.70 -45.28 8.29
CA ALA O 16 5.24 -44.19 9.16
C ALA O 16 4.22 -43.31 8.45
N ALA O 17 4.42 -43.10 7.16
CA ALA O 17 3.49 -42.38 6.29
C ALA O 17 2.14 -43.09 6.15
N GLY O 18 2.17 -44.42 6.26
CA GLY O 18 0.97 -45.25 6.15
C GLY O 18 1.00 -46.29 5.02
N ALA O 19 2.17 -46.51 4.42
CA ALA O 19 2.31 -47.56 3.41
C ALA O 19 2.37 -48.93 4.07
N GLN O 20 2.16 -49.95 3.26
CA GLN O 20 2.22 -51.33 3.70
C GLN O 20 2.73 -52.20 2.56
N GLY O 21 3.62 -53.13 2.90
CA GLY O 21 4.30 -53.96 1.92
C GLY O 21 5.73 -53.49 1.75
N GLU O 22 6.44 -54.12 0.80
CA GLU O 22 7.81 -53.76 0.48
C GLU O 22 8.03 -53.57 -1.03
N MET O 23 6.93 -53.48 -1.79
CA MET O 23 6.99 -53.37 -3.24
C MET O 23 6.32 -52.06 -3.64
N PHE O 24 7.10 -51.13 -4.21
CA PHE O 24 6.56 -49.84 -4.63
C PHE O 24 7.02 -49.41 -6.00
N THR O 25 6.19 -48.59 -6.63
CA THR O 25 6.55 -47.87 -7.82
C THR O 25 7.17 -46.57 -7.33
N VAL O 26 8.08 -46.01 -8.11
CA VAL O 26 8.75 -44.75 -7.77
C VAL O 26 7.78 -43.62 -7.44
N LYS O 27 6.69 -43.52 -8.19
CA LYS O 27 5.63 -42.52 -7.91
C LYS O 27 4.96 -42.75 -6.55
N GLU O 28 4.74 -44.02 -6.20
CA GLU O 28 4.23 -44.41 -4.88
C GLU O 28 5.14 -43.95 -3.75
N VAL O 29 6.45 -44.14 -3.95
CA VAL O 29 7.45 -43.78 -2.95
C VAL O 29 7.39 -42.28 -2.70
N MET O 30 7.36 -41.50 -3.79
CA MET O 30 7.26 -40.03 -3.71
C MET O 30 6.03 -39.57 -2.95
N HIS O 31 4.88 -40.16 -3.28
CA HIS O 31 3.65 -39.77 -2.62
C HIS O 31 3.74 -40.02 -1.13
N TYR O 32 4.06 -41.26 -0.76
CA TYR O 32 4.21 -41.64 0.64
C TYR O 32 5.25 -40.78 1.33
N LEU O 33 6.34 -40.52 0.64
CA LEU O 33 7.40 -39.72 1.21
C LEU O 33 6.81 -38.38 1.60
N GLY O 34 6.17 -37.69 0.65
CA GLY O 34 5.41 -36.44 0.87
C GLY O 34 4.62 -36.36 2.16
N GLN O 35 3.85 -37.43 2.39
CA GLN O 35 2.95 -37.53 3.55
C GLN O 35 3.69 -37.55 4.88
N TYR O 36 4.85 -38.20 4.90
CA TYR O 36 5.70 -38.32 6.09
C TYR O 36 6.21 -36.95 6.55
N ILE O 37 6.58 -36.12 5.58
CA ILE O 37 7.03 -34.74 5.81
C ILE O 37 5.84 -33.96 6.35
N MET O 38 4.71 -34.14 5.69
CA MET O 38 3.46 -33.46 6.06
C MET O 38 2.98 -33.83 7.48
N VAL O 39 3.10 -35.11 7.85
CA VAL O 39 2.67 -35.55 9.19
C VAL O 39 3.69 -35.19 10.27
N LYS O 40 4.98 -35.36 9.98
CA LYS O 40 6.04 -35.01 10.94
C LYS O 40 6.30 -33.51 11.00
N GLN O 41 5.71 -32.75 10.06
CA GLN O 41 5.78 -31.29 10.03
C GLN O 41 7.23 -30.81 10.01
N LEU O 42 7.99 -31.36 9.08
CA LEU O 42 9.42 -31.06 8.94
C LEU O 42 9.69 -29.87 8.04
N TYR O 43 8.64 -29.39 7.37
CA TYR O 43 8.72 -28.23 6.51
C TYR O 43 8.50 -26.98 7.35
N ASP O 44 9.20 -25.91 6.98
CA ASP O 44 9.12 -24.63 7.68
C ASP O 44 7.72 -24.05 7.52
N ALA O 45 7.17 -23.53 8.62
CA ALA O 45 5.87 -22.85 8.60
C ALA O 45 5.85 -21.66 7.63
N ALA O 46 6.91 -20.86 7.65
CA ALA O 46 7.02 -19.68 6.78
C ALA O 46 7.35 -20.07 5.33
N ALA O 47 8.58 -20.53 5.10
CA ALA O 47 9.00 -21.02 3.79
C ALA O 47 8.56 -22.47 3.66
N GLN O 48 7.27 -22.67 3.38
CA GLN O 48 6.69 -24.02 3.34
C GLN O 48 7.37 -25.02 2.41
N HIS O 49 8.02 -24.53 1.37
CA HIS O 49 8.88 -25.35 0.52
C HIS O 49 10.19 -25.81 1.20
N MET O 50 10.62 -25.14 2.27
CA MET O 50 11.80 -25.55 3.01
C MET O 50 11.45 -26.68 3.97
N VAL O 51 12.29 -27.72 4.00
CA VAL O 51 12.12 -28.82 4.94
C VAL O 51 13.38 -28.97 5.78
N TYR O 52 13.23 -28.85 7.10
CA TYR O 52 14.33 -29.01 8.04
C TYR O 52 14.22 -30.38 8.69
N CYS O 53 14.93 -31.34 8.10
CA CYS O 53 14.92 -32.73 8.56
C CYS O 53 16.06 -33.04 9.55
N GLY O 54 16.70 -32.00 10.10
CA GLY O 54 17.93 -32.12 10.90
C GLY O 54 18.04 -33.23 11.92
N GLY O 55 17.01 -33.35 12.77
CA GLY O 55 16.98 -34.38 13.81
C GLY O 55 16.10 -35.58 13.48
N ASP O 56 15.75 -35.75 12.20
CA ASP O 56 14.84 -36.78 11.78
C ASP O 56 15.59 -37.89 11.05
N LEU O 57 14.99 -39.09 11.05
CA LEU O 57 15.44 -40.25 10.26
C LEU O 57 15.82 -39.84 8.83
N LEU O 58 14.91 -39.11 8.21
CA LEU O 58 15.04 -38.63 6.82
C LEU O 58 16.22 -37.67 6.63
N GLY O 59 16.49 -36.85 7.63
CA GLY O 59 17.64 -35.94 7.59
C GLY O 59 18.95 -36.65 7.43
N GLU O 60 19.15 -37.67 8.26
CA GLU O 60 20.37 -38.47 8.23
C GLU O 60 20.38 -39.47 7.07
N LEU O 61 19.19 -39.75 6.53
CA LEU O 61 19.06 -40.49 5.27
C LEU O 61 19.50 -39.61 4.10
N LEU O 62 19.08 -38.35 4.14
CA LEU O 62 19.52 -37.32 3.19
C LEU O 62 20.98 -36.91 3.43
N GLY O 63 21.42 -37.03 4.67
CA GLY O 63 22.77 -36.65 5.08
C GLY O 63 22.87 -35.16 5.38
N ARG O 64 21.71 -34.54 5.59
CA ARG O 64 21.60 -33.08 5.59
C ARG O 64 20.64 -32.64 6.68
N GLN O 65 20.72 -31.35 7.02
CA GLN O 65 19.81 -30.75 7.99
C GLN O 65 18.58 -30.16 7.33
N SER O 66 18.66 -29.90 6.03
CA SER O 66 17.57 -29.28 5.31
C SER O 66 17.70 -29.47 3.81
N PHE O 67 16.57 -29.33 3.13
CA PHE O 67 16.55 -29.30 1.67
C PHE O 67 15.30 -28.57 1.20
N SER O 68 15.39 -27.95 0.03
CA SER O 68 14.26 -27.26 -0.58
C SER O 68 13.54 -28.17 -1.57
N VAL O 69 12.26 -27.91 -1.77
CA VAL O 69 11.44 -28.69 -2.69
C VAL O 69 11.55 -28.12 -4.12
N LYS O 70 12.13 -26.91 -4.23
CA LYS O 70 12.39 -26.30 -5.54
C LYS O 70 13.69 -26.79 -6.18
N ASP O 71 14.54 -27.45 -5.40
CA ASP O 71 15.74 -28.11 -5.92
C ASP O 71 15.75 -29.54 -5.38
N PRO O 72 14.97 -30.44 -6.00
CA PRO O 72 14.81 -31.83 -5.54
C PRO O 72 15.91 -32.84 -5.94
N SER O 73 17.07 -32.37 -6.43
CA SER O 73 18.16 -33.27 -6.82
C SER O 73 18.79 -34.09 -5.67
N PRO O 74 19.09 -33.45 -4.52
CA PRO O 74 19.70 -34.16 -3.38
C PRO O 74 18.87 -35.35 -2.89
N LEU O 75 17.55 -35.16 -2.95
CA LEU O 75 16.58 -36.19 -2.61
C LEU O 75 16.49 -37.26 -3.70
N TYR O 76 16.56 -36.82 -4.96
CA TYR O 76 16.59 -37.75 -6.09
C TYR O 76 17.81 -38.66 -6.12
N ASP O 77 18.96 -38.16 -5.67
CA ASP O 77 20.18 -38.96 -5.55
C ASP O 77 20.09 -39.94 -4.39
N MET O 78 19.49 -39.49 -3.28
CA MET O 78 19.24 -40.36 -2.13
C MET O 78 18.33 -41.48 -2.58
N LEU O 79 17.19 -41.12 -3.16
CA LEU O 79 16.22 -42.11 -3.64
C LEU O 79 16.80 -43.19 -4.54
N ARG O 80 17.70 -42.80 -5.44
CA ARG O 80 18.30 -43.76 -6.37
C ARG O 80 19.38 -44.62 -5.72
N LYS O 81 19.99 -44.11 -4.65
CA LYS O 81 20.92 -44.88 -3.82
C LYS O 81 20.20 -45.91 -2.94
N ASN O 82 19.00 -45.56 -2.47
CA ASN O 82 18.24 -46.41 -1.54
C ASN O 82 16.95 -46.97 -2.18
N LEU O 83 16.78 -46.76 -3.49
CA LEU O 83 15.66 -47.30 -4.26
C LEU O 83 14.31 -46.79 -3.73
N THR P 2 1.73 -20.20 -0.71
CA THR P 2 1.26 -21.55 -1.18
C THR P 2 1.71 -22.64 -0.20
N SER P 3 0.92 -23.70 -0.13
CA SER P 3 1.17 -24.79 0.83
C SER P 3 2.26 -25.76 0.35
N PHE P 4 2.73 -26.59 1.27
CA PHE P 4 3.72 -27.64 0.99
C PHE P 4 3.10 -28.74 0.14
N GLU P 6 0.71 -28.59 -2.18
CA GLU P 6 0.77 -27.70 -3.40
C GLU P 6 2.17 -27.68 -4.01
N TYR P 7 3.19 -27.36 -3.20
CA TYR P 7 4.58 -27.41 -3.66
C TYR P 7 5.12 -28.83 -3.95
N TRP P 8 4.61 -29.84 -3.25
CA TRP P 8 5.07 -31.22 -3.43
C TRP P 8 4.61 -31.82 -4.76
N CYS P 9 3.32 -31.65 -5.08
CA CYS P 9 2.76 -32.18 -6.34
C CYS P 9 3.13 -31.38 -7.60
N LEU P 10 4.16 -30.54 -7.52
CA LEU P 10 4.87 -30.01 -8.69
C LEU P 10 6.01 -30.96 -9.16
N LEU P 11 6.26 -32.04 -8.42
CA LEU P 11 7.25 -33.05 -8.79
C LEU P 11 6.58 -34.26 -9.43
#